data_3DYQ
#
_entry.id   3DYQ
#
_cell.length_a   103.650
_cell.length_b   103.650
_cell.length_c   270.041
_cell.angle_alpha   90.00
_cell.angle_beta   90.00
_cell.angle_gamma   90.00
#
_symmetry.space_group_name_H-M   'P 41 21 2'
#
loop_
_entity.id
_entity.type
_entity.pdbx_description
1 polymer "High affinity cGMP-specific 3',5'-cyclic phosphodiesterase 9A"
2 non-polymer 'SODIUM ION'
3 non-polymer 'CYCLIC GUANOSINE MONOPHOSPHATE'
4 non-polymer 3-ISOBUTYL-1-METHYLXANTHINE
5 water water
#
_entity_poly.entity_id   1
_entity_poly.type   'polypeptide(L)'
_entity_poly.pdbx_seq_one_letter_code
;GSHMTYPKYLLSPETIEALRKPTFDVWLWEPNEMLSCLEHMYHDLGLVRDFSINPVTLRRWLFCVHDNYRNNPFHNFRHC
FCVAQMMYSMVWLCSLQEKFSQTDILILMTAAICHDLDHPGYNNTYQINARTELAVRYNDISPLENHHCAVAFQILAEPE
CNIFSNIPPDGFKQIRQGMITLILATDMARHAEIMDSFKEKMENFDYSNEEHMTLLKMILIKCCDISNEVRPMEVAEPWV
DCLLEEYFMQSDREKSEGLPVAPFMDRDKVTKATAQIGFIKFVLIPMFETVTKLFPMVEEIMLQPLWESRDRYEELKRID
DAMKELQKK
;
_entity_poly.pdbx_strand_id   A,B
#
loop_
_chem_comp.id
_chem_comp.type
_chem_comp.name
_chem_comp.formula
IBM non-polymer 3-ISOBUTYL-1-METHYLXANTHINE 'C10 H14 N4 O2'
NA non-polymer 'SODIUM ION' 'Na 1'
PCG non-polymer 'CYCLIC GUANOSINE MONOPHOSPHATE' 'C10 H12 N5 O7 P'
#
# COMPACT_ATOMS: atom_id res chain seq x y z
N GLY A 1 -42.29 29.36 4.96
CA GLY A 1 -43.02 28.10 4.62
C GLY A 1 -44.07 27.84 5.67
N SER A 2 -43.64 27.22 6.78
CA SER A 2 -44.44 26.18 7.46
C SER A 2 -45.31 26.66 8.64
N HIS A 3 -46.44 25.98 8.84
CA HIS A 3 -47.49 26.43 9.77
C HIS A 3 -47.14 26.23 11.25
N MET A 4 -46.04 25.52 11.53
CA MET A 4 -45.57 25.30 12.88
C MET A 4 -44.06 25.13 12.74
N THR A 5 -43.37 25.03 13.87
CA THR A 5 -41.93 24.99 13.89
C THR A 5 -41.44 23.59 14.18
N TYR A 6 -40.39 23.20 13.49
CA TYR A 6 -39.86 21.87 13.61
C TYR A 6 -38.40 21.91 14.14
N PRO A 7 -37.99 20.92 14.92
CA PRO A 7 -36.60 20.67 15.19
C PRO A 7 -35.67 20.76 13.99
N LYS A 8 -34.46 21.26 14.28
CA LYS A 8 -33.53 21.60 13.23
C LYS A 8 -33.15 20.35 12.48
N TYR A 9 -33.21 19.18 13.14
CA TYR A 9 -32.82 17.90 12.49
C TYR A 9 -33.90 17.38 11.57
N LEU A 10 -35.06 18.03 11.61
CA LEU A 10 -36.01 17.92 10.51
C LEU A 10 -35.69 19.05 9.55
N LEU A 11 -34.99 18.69 8.50
CA LEU A 11 -34.56 19.63 7.52
C LEU A 11 -35.79 20.24 6.89
N SER A 12 -35.79 21.54 6.65
CA SER A 12 -36.89 22.20 5.95
C SER A 12 -36.84 21.87 4.47
N PRO A 13 -37.98 22.03 3.77
CA PRO A 13 -38.04 21.91 2.31
C PRO A 13 -37.02 22.80 1.61
N GLU A 14 -36.81 24.01 2.13
CA GLU A 14 -35.82 24.95 1.55
C GLU A 14 -34.40 24.39 1.67
N THR A 15 -34.09 23.79 2.80
CA THR A 15 -32.77 23.22 2.98
C THR A 15 -32.56 22.05 2.04
N ILE A 16 -33.54 21.15 1.98
CA ILE A 16 -33.45 20.00 1.07
C ILE A 16 -33.14 20.43 -0.35
N GLU A 17 -33.80 21.46 -0.77
CA GLU A 17 -33.60 22.06 -2.08
C GLU A 17 -32.20 22.66 -2.22
N ALA A 18 -31.78 23.42 -1.22
CA ALA A 18 -30.52 24.13 -1.27
C ALA A 18 -29.36 23.14 -1.31
N LEU A 19 -29.59 21.96 -0.74
CA LEU A 19 -28.56 20.96 -0.55
C LEU A 19 -28.09 20.39 -1.88
N ARG A 20 -28.85 20.62 -2.94
CA ARG A 20 -28.53 20.07 -4.26
C ARG A 20 -27.53 20.90 -5.03
N LYS A 21 -27.15 22.02 -4.43
CA LYS A 21 -26.38 23.01 -5.13
C LYS A 21 -25.10 23.34 -4.39
N PRO A 22 -24.06 23.67 -5.15
CA PRO A 22 -22.74 23.96 -4.60
C PRO A 22 -22.68 25.29 -3.87
N THR A 23 -23.77 26.05 -3.89
CA THR A 23 -23.83 27.28 -3.13
C THR A 23 -24.23 27.04 -1.66
N PHE A 24 -24.56 25.80 -1.30
CA PHE A 24 -25.03 25.50 0.05
C PHE A 24 -24.08 26.01 1.13
N ASP A 25 -24.59 26.68 2.14
CA ASP A 25 -23.74 27.17 3.18
C ASP A 25 -23.45 26.08 4.20
N VAL A 26 -22.26 25.50 4.07
CA VAL A 26 -21.86 24.40 4.90
C VAL A 26 -21.58 24.84 6.34
N TRP A 27 -21.68 26.13 6.66
CA TRP A 27 -21.37 26.61 8.02
C TRP A 27 -22.63 26.78 8.89
N LEU A 28 -23.79 26.75 8.25
CA LEU A 28 -25.04 27.06 8.90
C LEU A 28 -25.40 26.04 9.95
N TRP A 29 -24.87 24.85 9.82
CA TRP A 29 -25.49 23.65 10.37
C TRP A 29 -24.62 23.00 11.42
N GLU A 30 -25.25 22.48 12.45
CA GLU A 30 -24.52 21.71 13.44
C GLU A 30 -24.42 20.28 12.98
N PRO A 31 -23.59 19.47 13.64
CA PRO A 31 -23.34 18.10 13.18
C PRO A 31 -24.59 17.24 12.98
N ASN A 32 -25.53 17.31 13.90
CA ASN A 32 -26.72 16.48 13.76
C ASN A 32 -27.57 16.94 12.56
N GLU A 33 -27.51 18.22 12.20
CA GLU A 33 -28.14 18.69 10.95
C GLU A 33 -27.39 18.20 9.71
N MET A 34 -26.06 18.24 9.78
CA MET A 34 -25.27 17.71 8.68
C MET A 34 -25.55 16.23 8.51
N LEU A 35 -25.69 15.53 9.63
CA LEU A 35 -25.95 14.10 9.56
C LEU A 35 -27.27 13.85 8.87
N SER A 36 -28.25 14.69 9.16
CA SER A 36 -29.53 14.57 8.49
C SER A 36 -29.41 14.78 6.96
N CYS A 37 -28.63 15.77 6.58
CA CYS A 37 -28.37 16.01 5.18
C CYS A 37 -27.76 14.80 4.48
N LEU A 38 -26.78 14.18 5.13
CA LEU A 38 -26.12 13.07 4.50
C LEU A 38 -27.11 11.93 4.32
N GLU A 39 -27.90 11.71 5.35
CA GLU A 39 -28.97 10.73 5.31
C GLU A 39 -29.87 10.97 4.13
N HIS A 40 -30.32 12.21 4.00
CA HIS A 40 -31.23 12.53 2.94
C HIS A 40 -30.64 12.21 1.58
N MET A 41 -29.36 12.51 1.39
CA MET A 41 -28.70 12.21 0.12
C MET A 41 -28.82 10.75 -0.26
N TYR A 42 -28.70 9.87 0.73
CA TYR A 42 -28.70 8.45 0.45
C TYR A 42 -30.09 7.99 0.03
N HIS A 43 -31.11 8.59 0.64
CA HIS A 43 -32.48 8.29 0.25
C HIS A 43 -32.75 8.88 -1.11
N ASP A 44 -32.38 10.15 -1.27
CA ASP A 44 -32.77 10.92 -2.45
C ASP A 44 -32.11 10.34 -3.70
N LEU A 45 -30.90 9.82 -3.56
CA LEU A 45 -30.17 9.25 -4.71
C LEU A 45 -30.63 7.83 -5.08
N GLY A 46 -31.52 7.26 -4.26
CA GLY A 46 -32.10 5.94 -4.50
C GLY A 46 -31.21 4.84 -4.01
N LEU A 47 -30.17 5.22 -3.28
CA LEU A 47 -29.23 4.26 -2.74
C LEU A 47 -29.86 3.37 -1.65
N VAL A 48 -30.70 3.95 -0.78
CA VAL A 48 -31.40 3.15 0.20
C VAL A 48 -32.33 2.16 -0.52
N ARG A 49 -33.03 2.67 -1.53
CA ARG A 49 -33.94 1.83 -2.32
C ARG A 49 -33.17 0.70 -2.99
N ASP A 50 -32.12 1.04 -3.72
CA ASP A 50 -31.53 0.06 -4.63
C ASP A 50 -30.58 -0.90 -3.97
N PHE A 51 -30.19 -0.61 -2.73
CA PHE A 51 -29.23 -1.46 -2.04
C PHE A 51 -29.81 -1.99 -0.72
N SER A 52 -31.13 -1.84 -0.57
CA SER A 52 -31.82 -2.27 0.63
C SER A 52 -31.09 -1.88 1.92
N ILE A 53 -30.64 -0.64 2.01
CA ILE A 53 -29.97 -0.16 3.21
C ILE A 53 -31.00 0.01 4.32
N ASN A 54 -30.85 -0.69 5.45
CA ASN A 54 -31.78 -0.51 6.56
C ASN A 54 -31.64 0.95 7.01
N PRO A 55 -32.74 1.70 6.94
CA PRO A 55 -32.72 3.13 7.27
C PRO A 55 -32.20 3.50 8.65
N VAL A 56 -32.35 2.62 9.63
CA VAL A 56 -31.77 2.91 10.95
C VAL A 56 -30.27 2.64 10.95
N THR A 57 -29.84 1.57 10.30
CA THR A 57 -28.39 1.37 10.09
C THR A 57 -27.76 2.59 9.38
N LEU A 58 -28.41 3.12 8.35
CA LEU A 58 -27.88 4.28 7.64
C LEU A 58 -27.53 5.37 8.64
N ARG A 59 -28.40 5.59 9.60
CA ARG A 59 -28.19 6.60 10.63
C ARG A 59 -27.10 6.21 11.63
N ARG A 60 -27.17 4.99 12.15
CA ARG A 60 -26.14 4.49 13.04
C ARG A 60 -24.78 4.66 12.37
N TRP A 61 -24.69 4.25 11.11
CA TRP A 61 -23.44 4.34 10.38
C TRP A 61 -22.90 5.77 10.27
N LEU A 62 -23.75 6.71 9.87
CA LEU A 62 -23.33 8.10 9.76
C LEU A 62 -22.91 8.63 11.13
N PHE A 63 -23.62 8.21 12.16
CA PHE A 63 -23.31 8.75 13.48
C PHE A 63 -21.94 8.24 13.88
N CYS A 64 -21.67 7.01 13.50
CA CYS A 64 -20.42 6.38 13.82
C CYS A 64 -19.27 6.99 12.99
N VAL A 65 -19.53 7.28 11.72
CA VAL A 65 -18.55 8.01 10.92
C VAL A 65 -18.24 9.34 11.60
N HIS A 66 -19.28 10.03 11.98
CA HIS A 66 -19.08 11.30 12.62
C HIS A 66 -18.15 11.14 13.86
N ASP A 67 -18.37 10.09 14.61
CA ASP A 67 -17.61 9.93 15.85
C ASP A 67 -16.15 9.71 15.56
N ASN A 68 -15.85 9.16 14.39
CA ASN A 68 -14.50 8.79 14.05
C ASN A 68 -13.79 9.86 13.25
N TYR A 69 -14.44 10.99 12.99
CA TYR A 69 -13.67 12.15 12.52
C TYR A 69 -13.16 12.84 13.76
N ARG A 70 -11.97 13.43 13.67
CA ARG A 70 -11.41 14.22 14.77
C ARG A 70 -11.62 15.72 14.65
N ASN A 71 -11.48 16.41 15.79
CA ASN A 71 -11.65 17.86 15.84
C ASN A 71 -10.41 18.57 15.36
N ASN A 72 -10.03 18.35 14.13
CA ASN A 72 -8.98 19.12 13.53
C ASN A 72 -9.54 20.46 13.03
N PRO A 73 -8.68 21.46 12.88
CA PRO A 73 -9.06 22.73 12.31
C PRO A 73 -9.61 22.60 10.91
N PHE A 74 -9.07 21.68 10.12
CA PHE A 74 -9.51 21.52 8.75
C PHE A 74 -10.06 20.14 8.46
N HIS A 75 -9.24 19.12 8.68
CA HIS A 75 -9.60 17.73 8.39
C HIS A 75 -10.52 17.17 9.43
N ASN A 76 -11.76 17.66 9.39
CA ASN A 76 -12.77 17.36 10.41
C ASN A 76 -14.08 16.92 9.75
N PHE A 77 -15.10 16.70 10.57
CA PHE A 77 -16.35 16.18 10.05
C PHE A 77 -17.03 17.12 9.06
N ARG A 78 -16.91 18.41 9.32
CA ARG A 78 -17.50 19.37 8.42
C ARG A 78 -16.83 19.31 7.05
N HIS A 79 -15.52 19.13 7.01
CA HIS A 79 -14.83 19.01 5.73
C HIS A 79 -15.39 17.82 4.97
N CYS A 80 -15.60 16.74 5.70
CA CYS A 80 -16.12 15.56 5.06
C CYS A 80 -17.50 15.80 4.50
N PHE A 81 -18.29 16.56 5.24
CA PHE A 81 -19.60 16.96 4.75
C PHE A 81 -19.48 17.83 3.50
N CYS A 82 -18.54 18.76 3.44
CA CYS A 82 -18.34 19.53 2.21
C CYS A 82 -18.08 18.62 1.05
N VAL A 83 -17.16 17.69 1.25
CA VAL A 83 -16.75 16.83 0.16
C VAL A 83 -17.98 16.03 -0.32
N ALA A 84 -18.74 15.50 0.61
CA ALA A 84 -19.90 14.68 0.27
C ALA A 84 -21.01 15.51 -0.42
N GLN A 85 -21.20 16.73 0.06
CA GLN A 85 -22.24 17.58 -0.46
C GLN A 85 -21.83 18.12 -1.84
N MET A 86 -20.54 18.27 -2.09
CA MET A 86 -20.10 18.72 -3.42
C MET A 86 -20.24 17.57 -4.41
N MET A 87 -20.08 16.36 -3.92
CA MET A 87 -20.29 15.20 -4.76
C MET A 87 -21.77 15.07 -5.10
N TYR A 88 -22.63 15.27 -4.10
CA TYR A 88 -24.07 15.32 -4.30
C TYR A 88 -24.38 16.36 -5.38
N SER A 89 -23.78 17.53 -5.26
CA SER A 89 -24.03 18.60 -6.21
C SER A 89 -23.62 18.19 -7.60
N MET A 90 -22.47 17.52 -7.67
CA MET A 90 -21.90 17.11 -8.94
C MET A 90 -22.80 16.09 -9.64
N VAL A 91 -23.42 15.23 -8.84
CA VAL A 91 -24.33 14.24 -9.42
C VAL A 91 -25.43 14.94 -10.20
N TRP A 92 -26.01 15.99 -9.62
CA TRP A 92 -27.08 16.77 -10.30
C TRP A 92 -26.53 17.63 -11.41
N LEU A 93 -25.51 18.41 -11.08
CA LEU A 93 -24.97 19.34 -12.05
C LEU A 93 -24.60 18.57 -13.32
N CYS A 94 -23.92 17.43 -13.17
CA CYS A 94 -23.41 16.71 -14.32
C CYS A 94 -24.27 15.53 -14.73
N SER A 95 -25.51 15.43 -14.22
CA SER A 95 -26.39 14.32 -14.55
C SER A 95 -25.65 13.01 -14.50
N LEU A 96 -24.92 12.79 -13.40
CA LEU A 96 -24.09 11.61 -13.30
C LEU A 96 -24.92 10.32 -13.27
N GLN A 97 -26.22 10.40 -12.95
CA GLN A 97 -27.06 9.19 -12.95
C GLN A 97 -27.37 8.66 -14.34
N GLU A 98 -27.11 9.49 -15.35
CA GLU A 98 -27.25 9.04 -16.74
C GLU A 98 -26.05 8.20 -17.16
N LYS A 99 -24.93 8.39 -16.48
CA LYS A 99 -23.62 7.91 -16.94
C LYS A 99 -23.11 6.73 -16.10
N PHE A 100 -23.44 6.75 -14.82
CA PHE A 100 -22.88 5.86 -13.83
C PHE A 100 -23.99 4.97 -13.30
N SER A 101 -23.64 3.74 -12.98
CA SER A 101 -24.55 2.85 -12.27
C SER A 101 -24.75 3.32 -10.82
N GLN A 102 -25.76 2.76 -10.17
CA GLN A 102 -26.07 3.12 -8.78
C GLN A 102 -24.94 2.62 -7.89
N THR A 103 -24.38 1.48 -8.26
CA THR A 103 -23.19 1.01 -7.59
C THR A 103 -22.08 2.07 -7.66
N ASP A 104 -21.79 2.64 -8.82
CA ASP A 104 -20.79 3.71 -8.90
C ASP A 104 -21.13 4.95 -8.05
N ILE A 105 -22.40 5.33 -8.06
CA ILE A 105 -22.82 6.45 -7.22
C ILE A 105 -22.65 6.14 -5.74
N LEU A 106 -22.98 4.92 -5.33
CA LEU A 106 -22.75 4.48 -3.96
C LEU A 106 -21.27 4.62 -3.62
N ILE A 107 -20.42 4.18 -4.54
CA ILE A 107 -18.98 4.25 -4.31
C ILE A 107 -18.53 5.69 -4.14
N LEU A 108 -18.98 6.56 -5.04
CA LEU A 108 -18.55 7.95 -4.98
C LEU A 108 -18.96 8.55 -3.65
N MET A 109 -20.19 8.32 -3.27
CA MET A 109 -20.75 9.00 -2.12
C MET A 109 -20.11 8.43 -0.87
N THR A 110 -19.99 7.11 -0.79
CA THR A 110 -19.47 6.55 0.43
C THR A 110 -17.98 6.84 0.59
N ALA A 111 -17.27 6.83 -0.54
CA ALA A 111 -15.84 7.18 -0.52
C ALA A 111 -15.69 8.65 -0.03
N ALA A 112 -16.58 9.52 -0.51
CA ALA A 112 -16.51 10.92 -0.18
C ALA A 112 -16.71 11.12 1.32
N ILE A 113 -17.67 10.41 1.90
CA ILE A 113 -18.00 10.53 3.32
C ILE A 113 -16.85 10.00 4.18
N CYS A 114 -16.17 8.97 3.70
CA CYS A 114 -15.11 8.30 4.48
C CYS A 114 -13.70 8.75 4.21
N HIS A 115 -13.50 9.63 3.22
CA HIS A 115 -12.17 9.82 2.67
C HIS A 115 -11.10 10.37 3.66
N ASP A 116 -11.50 10.95 4.79
CA ASP A 116 -10.52 11.49 5.75
C ASP A 116 -10.77 10.97 7.18
N LEU A 117 -11.33 9.77 7.29
CA LEU A 117 -11.61 9.24 8.64
C LEU A 117 -10.38 9.22 9.53
N ASP A 118 -10.55 9.69 10.77
CA ASP A 118 -9.50 9.64 11.80
C ASP A 118 -8.20 10.28 11.37
N HIS A 119 -8.28 11.37 10.64
CA HIS A 119 -7.10 12.11 10.26
C HIS A 119 -6.47 12.75 11.50
N PRO A 120 -5.16 12.58 11.66
CA PRO A 120 -4.47 13.15 12.82
C PRO A 120 -4.14 14.63 12.72
N GLY A 121 -4.36 15.23 11.56
CA GLY A 121 -4.07 16.65 11.40
C GLY A 121 -2.60 16.97 11.14
N TYR A 122 -1.79 15.97 10.82
CA TYR A 122 -0.49 16.21 10.19
C TYR A 122 -0.39 15.29 8.97
N ASN A 123 0.22 15.77 7.89
CA ASN A 123 0.10 15.06 6.62
C ASN A 123 1.10 13.89 6.50
N ASN A 124 1.17 13.30 5.31
CA ASN A 124 1.95 12.10 5.07
C ASN A 124 3.44 12.38 5.21
N THR A 125 3.86 13.57 4.79
CA THR A 125 5.23 13.99 4.94
C THR A 125 5.63 14.05 6.42
N TYR A 126 4.74 14.55 7.27
CA TYR A 126 5.05 14.45 8.68
C TYR A 126 5.15 13.00 9.13
N GLN A 127 4.19 12.18 8.72
CA GLN A 127 4.18 10.78 9.15
C GLN A 127 5.49 10.10 8.82
N ILE A 128 5.92 10.29 7.57
CA ILE A 128 7.08 9.60 7.04
C ILE A 128 8.35 10.13 7.69
N ASN A 129 8.50 11.44 7.74
CA ASN A 129 9.70 12.04 8.32
C ASN A 129 9.83 11.79 9.84
N ALA A 130 8.71 11.78 10.56
CA ALA A 130 8.71 11.48 12.00
C ALA A 130 8.76 9.98 12.28
N ARG A 131 8.65 9.16 11.24
CA ARG A 131 8.62 7.70 11.37
C ARG A 131 7.59 7.28 12.38
N THR A 132 6.39 7.81 12.21
CA THR A 132 5.27 7.53 13.08
C THR A 132 4.82 6.11 12.90
N GLU A 133 3.93 5.69 13.79
CA GLU A 133 3.42 4.35 13.76
C GLU A 133 2.69 4.06 12.47
N LEU A 134 1.96 5.04 11.96
CA LEU A 134 1.25 4.89 10.71
C LEU A 134 2.22 4.72 9.56
N ALA A 135 3.25 5.58 9.49
CA ALA A 135 4.21 5.51 8.42
C ALA A 135 4.84 4.10 8.40
N VAL A 136 5.16 3.57 9.58
CA VAL A 136 5.75 2.24 9.70
C VAL A 136 4.73 1.16 9.35
N ARG A 137 3.50 1.32 9.78
CA ARG A 137 2.46 0.35 9.48
C ARG A 137 2.29 0.19 7.97
N TYR A 138 2.33 1.29 7.25
CA TYR A 138 1.98 1.31 5.83
C TYR A 138 3.22 1.52 4.93
N ASN A 139 4.41 1.38 5.50
CA ASN A 139 5.60 1.38 4.68
C ASN A 139 5.74 2.65 3.78
N ASP A 140 5.34 3.79 4.32
CA ASP A 140 5.51 5.09 3.68
C ASP A 140 4.63 5.26 2.44
N ILE A 141 3.72 4.32 2.22
CA ILE A 141 2.76 4.42 1.10
C ILE A 141 1.38 4.99 1.51
N SER A 142 1.11 6.23 1.12
CA SER A 142 -0.16 6.91 1.41
C SER A 142 -0.70 6.47 2.75
N PRO A 143 0.08 6.68 3.79
CA PRO A 143 -0.29 6.15 5.08
C PRO A 143 -1.64 6.67 5.56
N LEU A 144 -1.86 7.98 5.45
CA LEU A 144 -3.12 8.53 5.95
C LEU A 144 -4.25 7.91 5.17
N GLU A 145 -4.09 7.85 3.87
CA GLU A 145 -5.22 7.45 3.08
C GLU A 145 -5.55 5.96 3.26
N ASN A 146 -4.52 5.14 3.41
CA ASN A 146 -4.72 3.75 3.77
C ASN A 146 -5.44 3.62 5.10
N HIS A 147 -5.09 4.50 6.04
CA HIS A 147 -5.70 4.48 7.37
C HIS A 147 -7.17 4.90 7.33
N HIS A 148 -7.49 6.00 6.64
CA HIS A 148 -8.89 6.44 6.47
C HIS A 148 -9.70 5.26 6.00
N CYS A 149 -9.12 4.58 5.04
CA CYS A 149 -9.82 3.56 4.30
C CYS A 149 -10.03 2.32 5.17
N ALA A 150 -8.99 1.91 5.87
CA ALA A 150 -9.09 0.85 6.84
C ALA A 150 -10.12 1.21 7.91
N VAL A 151 -10.14 2.45 8.37
CA VAL A 151 -11.08 2.79 9.44
C VAL A 151 -12.50 2.70 8.87
N ALA A 152 -12.67 3.12 7.63
CA ALA A 152 -13.95 2.96 6.93
C ALA A 152 -14.46 1.53 7.07
N PHE A 153 -13.61 0.55 6.79
CA PHE A 153 -14.15 -0.80 6.68
C PHE A 153 -14.24 -1.45 8.02
N GLN A 154 -13.48 -0.97 8.98
CA GLN A 154 -13.67 -1.36 10.37
C GLN A 154 -15.04 -0.94 10.86
N ILE A 155 -15.44 0.30 10.54
CA ILE A 155 -16.78 0.77 10.87
C ILE A 155 -17.85 -0.08 10.20
N LEU A 156 -17.72 -0.28 8.89
CA LEU A 156 -18.72 -1.06 8.15
C LEU A 156 -18.78 -2.52 8.63
N ALA A 157 -17.75 -2.99 9.32
CA ALA A 157 -17.75 -4.36 9.80
C ALA A 157 -18.56 -4.50 11.08
N GLU A 158 -18.79 -3.41 11.78
CA GLU A 158 -19.68 -3.48 12.93
C GLU A 158 -21.07 -3.65 12.39
N PRO A 159 -21.78 -4.71 12.82
CA PRO A 159 -23.03 -5.11 12.15
C PRO A 159 -24.12 -4.04 12.22
N GLU A 160 -24.15 -3.28 13.29
CA GLU A 160 -25.19 -2.27 13.41
C GLU A 160 -24.90 -1.08 12.52
N CYS A 161 -23.70 -0.99 11.93
CA CYS A 161 -23.39 0.12 11.01
C CYS A 161 -23.26 -0.32 9.57
N ASN A 162 -23.53 -1.58 9.31
CA ASN A 162 -23.17 -2.10 8.03
C ASN A 162 -24.25 -1.85 7.00
N ILE A 163 -24.17 -0.67 6.37
CA ILE A 163 -25.15 -0.26 5.37
C ILE A 163 -25.10 -1.17 4.15
N PHE A 164 -24.08 -2.00 4.03
CA PHE A 164 -23.98 -2.93 2.90
C PHE A 164 -24.46 -4.33 3.23
N SER A 165 -25.04 -4.52 4.41
CA SER A 165 -25.36 -5.87 4.89
C SER A 165 -26.35 -6.62 4.02
N ASN A 166 -27.11 -5.92 3.19
CA ASN A 166 -28.06 -6.54 2.28
C ASN A 166 -27.60 -6.55 0.83
N ILE A 167 -26.34 -6.21 0.59
CA ILE A 167 -25.78 -6.31 -0.75
C ILE A 167 -25.08 -7.67 -0.80
N PRO A 168 -25.26 -8.43 -1.89
CA PRO A 168 -24.54 -9.71 -1.99
C PRO A 168 -23.01 -9.54 -2.01
N PRO A 169 -22.28 -10.58 -1.63
CA PRO A 169 -20.84 -10.49 -1.58
C PRO A 169 -20.15 -9.94 -2.85
N ASP A 170 -20.60 -10.33 -4.04
CA ASP A 170 -20.01 -9.79 -5.25
C ASP A 170 -20.11 -8.27 -5.31
N GLY A 171 -21.27 -7.76 -4.97
CA GLY A 171 -21.47 -6.33 -4.91
C GLY A 171 -20.60 -5.72 -3.83
N PHE A 172 -20.52 -6.38 -2.68
CA PHE A 172 -19.69 -5.88 -1.60
C PHE A 172 -18.25 -5.71 -2.07
N LYS A 173 -17.73 -6.78 -2.68
CA LYS A 173 -16.37 -6.76 -3.21
C LYS A 173 -16.18 -5.65 -4.26
N GLN A 174 -17.19 -5.41 -5.08
CA GLN A 174 -17.10 -4.38 -6.12
C GLN A 174 -17.03 -2.98 -5.51
N ILE A 175 -17.86 -2.76 -4.50
CA ILE A 175 -17.93 -1.50 -3.79
C ILE A 175 -16.63 -1.26 -3.02
N ARG A 176 -16.19 -2.32 -2.34
CA ARG A 176 -14.98 -2.23 -1.52
C ARG A 176 -13.78 -1.80 -2.35
N GLN A 177 -13.61 -2.48 -3.48
CA GLN A 177 -12.53 -2.19 -4.41
C GLN A 177 -12.62 -0.73 -4.88
N GLY A 178 -13.82 -0.31 -5.31
CA GLY A 178 -14.01 1.04 -5.79
C GLY A 178 -13.63 2.07 -4.73
N MET A 179 -14.07 1.82 -3.52
CA MET A 179 -13.87 2.81 -2.45
C MET A 179 -12.39 2.89 -2.13
N ILE A 180 -11.72 1.74 -2.12
CA ILE A 180 -10.30 1.74 -1.80
C ILE A 180 -9.59 2.57 -2.87
N THR A 181 -9.90 2.33 -4.14
CA THR A 181 -9.24 3.08 -5.21
C THR A 181 -9.46 4.57 -5.02
N LEU A 182 -10.70 4.93 -4.71
CA LEU A 182 -11.08 6.33 -4.70
C LEU A 182 -10.46 7.05 -3.49
N ILE A 183 -10.61 6.49 -2.29
CA ILE A 183 -10.01 7.07 -1.11
C ILE A 183 -8.49 7.21 -1.26
N LEU A 184 -7.83 6.16 -1.77
CA LEU A 184 -6.39 6.25 -1.99
C LEU A 184 -6.04 7.32 -3.02
N ALA A 185 -6.95 7.59 -3.95
CA ALA A 185 -6.68 8.53 -5.02
C ALA A 185 -6.63 9.98 -4.48
N THR A 186 -7.06 10.19 -3.25
CA THR A 186 -7.13 11.56 -2.70
C THR A 186 -5.79 12.03 -2.17
N ASP A 187 -4.80 11.14 -2.14
CA ASP A 187 -3.44 11.51 -1.77
C ASP A 187 -2.84 12.47 -2.80
N MET A 188 -2.63 13.72 -2.42
CA MET A 188 -2.17 14.73 -3.37
C MET A 188 -0.79 14.48 -3.90
N ALA A 189 -0.03 13.61 -3.25
CA ALA A 189 1.26 13.18 -3.81
C ALA A 189 1.06 12.68 -5.22
N ARG A 190 -0.10 12.12 -5.50
CA ARG A 190 -0.34 11.46 -6.79
C ARG A 190 -1.10 12.35 -7.77
N HIS A 191 -1.30 13.63 -7.42
CA HIS A 191 -2.16 14.49 -8.23
C HIS A 191 -1.70 14.53 -9.69
N ALA A 192 -0.43 14.83 -9.91
CA ALA A 192 0.07 14.97 -11.30
C ALA A 192 -0.06 13.65 -12.08
N GLU A 193 0.25 12.54 -11.40
CA GLU A 193 0.15 11.18 -11.99
C GLU A 193 -1.30 10.90 -12.40
N ILE A 194 -2.25 11.19 -11.52
CA ILE A 194 -3.65 10.87 -11.78
C ILE A 194 -4.18 11.76 -12.92
N MET A 195 -3.84 13.04 -12.84
CA MET A 195 -4.23 13.99 -13.87
C MET A 195 -3.69 13.57 -15.23
N ASP A 196 -2.47 13.08 -15.28
CA ASP A 196 -1.88 12.60 -16.54
C ASP A 196 -2.62 11.39 -17.08
N SER A 197 -2.91 10.40 -16.23
CA SER A 197 -3.60 9.22 -16.70
C SER A 197 -4.97 9.64 -17.21
N PHE A 198 -5.60 10.56 -16.52
CA PHE A 198 -6.90 11.01 -16.97
C PHE A 198 -6.82 11.67 -18.33
N LYS A 199 -5.91 12.63 -18.50
CA LYS A 199 -5.79 13.35 -19.76
C LYS A 199 -5.55 12.41 -20.95
N GLU A 200 -4.78 11.35 -20.70
CA GLU A 200 -4.52 10.32 -21.69
C GLU A 200 -5.82 9.70 -22.17
N LYS A 201 -6.68 9.33 -21.23
CA LYS A 201 -7.96 8.76 -21.57
C LYS A 201 -8.83 9.82 -22.25
N MET A 202 -8.70 11.06 -21.81
CA MET A 202 -9.50 12.14 -22.38
C MET A 202 -9.19 12.37 -23.87
N GLU A 203 -8.03 11.91 -24.33
CA GLU A 203 -7.73 11.91 -25.77
C GLU A 203 -8.83 11.22 -26.61
N ASN A 204 -9.54 10.27 -26.00
CA ASN A 204 -10.61 9.52 -26.67
C ASN A 204 -11.51 8.83 -25.64
N PHE A 205 -12.19 9.62 -24.81
CA PHE A 205 -12.87 9.10 -23.61
C PHE A 205 -14.03 8.22 -23.90
N ASP A 206 -14.22 7.18 -23.11
CA ASP A 206 -15.17 6.09 -23.42
C ASP A 206 -15.92 5.68 -22.17
N TYR A 207 -17.22 6.01 -22.10
CA TYR A 207 -18.01 5.77 -20.88
C TYR A 207 -18.27 4.31 -20.60
N SER A 208 -18.01 3.44 -21.57
CA SER A 208 -18.18 2.01 -21.31
C SER A 208 -16.85 1.28 -21.02
N ASN A 209 -15.76 2.04 -20.91
CA ASN A 209 -14.47 1.49 -20.54
C ASN A 209 -14.27 1.67 -19.03
N GLU A 210 -14.26 0.56 -18.30
CA GLU A 210 -14.07 0.54 -16.83
C GLU A 210 -12.87 1.36 -16.36
N GLU A 211 -11.79 1.26 -17.11
CA GLU A 211 -10.59 2.00 -16.76
C GLU A 211 -10.75 3.50 -16.90
N HIS A 212 -11.46 3.94 -17.95
CA HIS A 212 -11.78 5.36 -18.13
C HIS A 212 -12.64 5.84 -16.95
N MET A 213 -13.60 5.00 -16.57
CA MET A 213 -14.56 5.36 -15.56
C MET A 213 -14.00 5.37 -14.14
N THR A 214 -13.02 4.52 -13.88
CA THR A 214 -12.30 4.56 -12.61
C THR A 214 -11.52 5.87 -12.51
N LEU A 215 -10.88 6.24 -13.61
CA LEU A 215 -10.14 7.48 -13.62
C LEU A 215 -11.08 8.70 -13.50
N LEU A 216 -12.27 8.62 -14.11
CA LEU A 216 -13.23 9.70 -13.95
C LEU A 216 -13.67 9.80 -12.50
N LYS A 217 -14.00 8.66 -11.90
CA LYS A 217 -14.39 8.66 -10.50
C LYS A 217 -13.26 9.17 -9.59
N MET A 218 -12.03 8.79 -9.89
CA MET A 218 -10.90 9.35 -9.16
C MET A 218 -10.85 10.89 -9.31
N ILE A 219 -11.02 11.41 -10.53
CA ILE A 219 -11.04 12.85 -10.71
C ILE A 219 -12.22 13.45 -9.97
N LEU A 220 -13.37 12.79 -10.04
CA LEU A 220 -14.53 13.34 -9.35
C LEU A 220 -14.27 13.49 -7.85
N ILE A 221 -13.75 12.45 -7.20
CA ILE A 221 -13.51 12.55 -5.75
C ILE A 221 -12.42 13.59 -5.44
N LYS A 222 -11.43 13.70 -6.31
CA LYS A 222 -10.36 14.66 -6.10
C LYS A 222 -10.89 16.09 -6.21
N CYS A 223 -11.72 16.33 -7.22
CA CYS A 223 -12.45 17.61 -7.33
C CYS A 223 -13.19 17.99 -6.07
N CYS A 224 -13.98 17.06 -5.57
CA CYS A 224 -14.80 17.37 -4.43
C CYS A 224 -13.94 17.67 -3.19
N ASP A 225 -12.85 16.91 -3.02
CA ASP A 225 -11.97 17.03 -1.86
C ASP A 225 -11.40 18.43 -1.77
N ILE A 226 -10.97 18.97 -2.90
CA ILE A 226 -10.26 20.26 -2.88
C ILE A 226 -11.16 21.38 -3.42
N SER A 227 -12.46 21.21 -3.28
CA SER A 227 -13.42 22.09 -3.93
C SER A 227 -13.76 23.37 -3.16
N ASN A 228 -13.18 23.63 -2.00
CA ASN A 228 -13.74 24.70 -1.14
C ASN A 228 -13.87 25.98 -1.95
N GLU A 229 -12.85 26.32 -2.73
CA GLU A 229 -12.88 27.60 -3.46
C GLU A 229 -13.91 27.66 -4.60
N VAL A 230 -14.53 26.56 -4.94
CA VAL A 230 -15.64 26.57 -5.91
C VAL A 230 -16.86 27.26 -5.29
N ARG A 231 -16.94 27.26 -3.97
CA ARG A 231 -18.11 27.71 -3.27
C ARG A 231 -18.14 29.22 -3.18
N PRO A 232 -19.30 29.79 -2.87
CA PRO A 232 -19.37 31.23 -2.69
C PRO A 232 -18.33 31.73 -1.72
N MET A 233 -17.84 32.92 -2.00
CA MET A 233 -16.70 33.50 -1.32
C MET A 233 -16.90 33.50 0.21
N GLU A 234 -18.07 33.83 0.68
CA GLU A 234 -18.31 33.95 2.13
C GLU A 234 -18.25 32.60 2.80
N VAL A 235 -18.55 31.55 2.03
CA VAL A 235 -18.45 30.16 2.47
C VAL A 235 -17.02 29.58 2.34
N ALA A 236 -16.33 29.94 1.27
CA ALA A 236 -15.01 29.38 0.96
C ALA A 236 -13.97 29.94 1.93
N GLU A 237 -14.05 31.23 2.18
CA GLU A 237 -12.97 31.98 2.80
C GLU A 237 -12.57 31.51 4.21
N PRO A 238 -13.54 31.23 5.08
CA PRO A 238 -13.17 30.68 6.39
C PRO A 238 -12.34 29.39 6.34
N TRP A 239 -12.47 28.60 5.29
CA TRP A 239 -11.76 27.33 5.23
C TRP A 239 -10.27 27.57 5.14
N VAL A 240 -9.86 28.66 4.50
CA VAL A 240 -8.45 28.92 4.31
C VAL A 240 -7.74 29.09 5.66
N ASP A 241 -8.36 29.83 6.55
CA ASP A 241 -7.77 29.99 7.86
C ASP A 241 -7.65 28.65 8.56
N CYS A 242 -8.61 27.77 8.36
CA CYS A 242 -8.53 26.45 8.97
C CYS A 242 -7.39 25.66 8.43
N LEU A 243 -7.21 25.74 7.11
CA LEU A 243 -6.12 25.04 6.46
C LEU A 243 -4.78 25.49 7.00
N LEU A 244 -4.54 26.80 7.00
CA LEU A 244 -3.30 27.32 7.54
C LEU A 244 -3.12 26.99 9.02
N GLU A 245 -4.19 26.98 9.79
CA GLU A 245 -4.08 26.59 11.19
C GLU A 245 -3.42 25.22 11.34
N GLU A 246 -3.84 24.29 10.50
CA GLU A 246 -3.35 22.93 10.51
C GLU A 246 -1.94 22.88 9.91
N TYR A 247 -1.72 23.55 8.79
CA TYR A 247 -0.38 23.63 8.24
C TYR A 247 0.63 24.20 9.23
N PHE A 248 0.24 25.22 9.98
CA PHE A 248 1.17 25.88 10.86
C PHE A 248 1.45 25.02 12.10
N MET A 249 0.43 24.31 12.57
CA MET A 249 0.63 23.38 13.65
C MET A 249 1.72 22.36 13.29
N GLN A 250 1.61 21.84 12.08
CA GLN A 250 2.56 20.86 11.61
C GLN A 250 3.96 21.45 11.42
N SER A 251 4.06 22.57 10.72
CA SER A 251 5.38 23.14 10.40
C SER A 251 6.14 23.63 11.63
N ASP A 252 5.41 24.13 12.63
CA ASP A 252 6.01 24.49 13.92
C ASP A 252 6.67 23.28 14.57
N ARG A 253 5.87 22.20 14.63
CA ARG A 253 6.31 20.93 15.22
C ARG A 253 7.52 20.38 14.47
N GLU A 254 7.41 20.32 13.15
CA GLU A 254 8.56 20.00 12.33
C GLU A 254 9.82 20.81 12.72
N LYS A 255 9.69 22.12 12.88
CA LYS A 255 10.84 22.97 13.29
C LYS A 255 11.35 22.53 14.66
N SER A 256 10.43 22.43 15.62
CA SER A 256 10.79 22.02 16.97
C SER A 256 11.52 20.66 16.99
N GLU A 257 11.09 19.71 16.16
CA GLU A 257 11.59 18.34 16.22
C GLU A 257 12.71 18.10 15.22
N GLY A 258 13.16 19.14 14.53
CA GLY A 258 14.33 19.00 13.65
C GLY A 258 14.01 18.36 12.31
N LEU A 259 12.72 18.32 11.99
CA LEU A 259 12.27 17.67 10.76
C LEU A 259 12.17 18.71 9.66
N PRO A 260 12.25 18.27 8.40
CA PRO A 260 12.15 19.20 7.30
C PRO A 260 10.79 19.92 7.27
N VAL A 261 10.82 21.20 6.89
CA VAL A 261 9.63 22.03 6.83
C VAL A 261 9.30 22.27 5.37
N ALA A 262 8.02 22.28 5.03
CA ALA A 262 7.63 22.57 3.66
C ALA A 262 7.42 24.07 3.55
N PRO A 263 7.90 24.70 2.46
CA PRO A 263 7.79 26.17 2.45
C PRO A 263 6.33 26.62 2.33
N PHE A 264 5.52 25.84 1.62
CA PHE A 264 4.10 26.14 1.53
C PHE A 264 3.31 25.95 2.82
N MET A 265 3.95 25.39 3.87
CA MET A 265 3.31 25.36 5.20
C MET A 265 4.07 26.24 6.20
N ASP A 266 5.05 27.00 5.71
CA ASP A 266 5.92 27.81 6.56
C ASP A 266 5.24 29.11 6.95
N ARG A 267 4.81 29.17 8.20
CA ARG A 267 4.37 30.39 8.87
C ARG A 267 4.97 31.70 8.36
N ASP A 268 6.25 31.64 8.00
CA ASP A 268 7.00 32.84 7.63
C ASP A 268 6.73 33.23 6.16
N LYS A 269 6.50 32.25 5.28
CA LYS A 269 6.40 32.46 3.82
C LYS A 269 4.98 32.34 3.24
N VAL A 270 3.96 32.38 4.08
CA VAL A 270 2.63 31.99 3.62
C VAL A 270 1.55 32.89 4.20
N THR A 271 0.69 33.39 3.30
CA THR A 271 -0.55 34.09 3.65
C THR A 271 -1.70 33.42 2.93
N LYS A 272 -2.93 33.76 3.32
CA LYS A 272 -4.12 33.27 2.63
C LYS A 272 -3.95 33.43 1.13
N ALA A 273 -3.62 34.65 0.73
CA ALA A 273 -3.54 35.03 -0.67
C ALA A 273 -2.54 34.16 -1.41
N THR A 274 -1.36 33.98 -0.83
CA THR A 274 -0.30 33.28 -1.55
C THR A 274 -0.61 31.80 -1.57
N ALA A 275 -1.14 31.28 -0.46
CA ALA A 275 -1.68 29.93 -0.42
C ALA A 275 -2.68 29.66 -1.59
N GLN A 276 -3.64 30.56 -1.78
CA GLN A 276 -4.73 30.24 -2.67
C GLN A 276 -4.43 30.55 -4.14
N ILE A 277 -3.63 31.57 -4.42
CA ILE A 277 -3.42 31.99 -5.80
C ILE A 277 -2.81 30.84 -6.61
N GLY A 278 -1.71 30.28 -6.10
CA GLY A 278 -1.01 29.20 -6.79
C GLY A 278 -1.90 27.98 -6.89
N PHE A 279 -2.56 27.68 -5.79
CA PHE A 279 -3.39 26.49 -5.76
C PHE A 279 -4.52 26.58 -6.77
N ILE A 280 -5.13 27.76 -6.85
CA ILE A 280 -6.24 27.97 -7.78
C ILE A 280 -5.77 27.89 -9.24
N LYS A 281 -4.69 28.61 -9.54
CA LYS A 281 -4.22 28.73 -10.92
C LYS A 281 -3.66 27.42 -11.44
N PHE A 282 -2.98 26.67 -10.59
CA PHE A 282 -2.15 25.57 -11.06
C PHE A 282 -2.69 24.19 -10.67
N VAL A 283 -3.51 24.10 -9.65
CA VAL A 283 -4.19 22.83 -9.33
C VAL A 283 -5.68 22.82 -9.71
N LEU A 284 -6.44 23.78 -9.20
CA LEU A 284 -7.92 23.72 -9.31
C LEU A 284 -8.45 24.04 -10.70
N ILE A 285 -8.06 25.18 -11.24
CA ILE A 285 -8.54 25.56 -12.56
C ILE A 285 -8.25 24.45 -13.59
N PRO A 286 -6.99 24.05 -13.73
CA PRO A 286 -6.68 23.01 -14.70
C PRO A 286 -7.50 21.76 -14.51
N MET A 287 -7.67 21.32 -13.26
CA MET A 287 -8.40 20.08 -13.06
C MET A 287 -9.84 20.25 -13.59
N PHE A 288 -10.48 21.32 -13.14
CA PHE A 288 -11.85 21.57 -13.48
C PHE A 288 -12.00 21.91 -14.95
N GLU A 289 -10.93 22.39 -15.58
CA GLU A 289 -10.94 22.66 -17.02
C GLU A 289 -11.09 21.38 -17.82
N THR A 290 -10.41 20.33 -17.37
CA THR A 290 -10.52 19.06 -18.05
C THR A 290 -11.85 18.40 -17.70
N VAL A 291 -12.32 18.50 -16.47
CA VAL A 291 -13.61 17.93 -16.16
C VAL A 291 -14.64 18.56 -17.10
N THR A 292 -14.42 19.84 -17.42
CA THR A 292 -15.40 20.57 -18.20
C THR A 292 -15.50 20.09 -19.61
N LYS A 293 -14.43 19.49 -20.10
CA LYS A 293 -14.46 18.86 -21.43
C LYS A 293 -15.50 17.76 -21.54
N LEU A 294 -15.75 17.06 -20.44
CA LEU A 294 -16.79 16.03 -20.36
C LEU A 294 -18.15 16.60 -19.95
N PHE A 295 -18.13 17.58 -19.06
CA PHE A 295 -19.34 18.20 -18.51
C PHE A 295 -19.23 19.72 -18.61
N PRO A 296 -19.73 20.30 -19.70
CA PRO A 296 -19.60 21.73 -19.97
C PRO A 296 -20.30 22.64 -18.96
N MET A 297 -21.41 22.16 -18.39
CA MET A 297 -22.10 22.94 -17.40
C MET A 297 -21.20 23.22 -16.20
N VAL A 298 -20.11 22.47 -16.07
CA VAL A 298 -19.16 22.75 -15.01
C VAL A 298 -18.49 24.11 -15.16
N GLU A 299 -18.38 24.61 -16.38
CA GLU A 299 -17.60 25.83 -16.57
C GLU A 299 -18.28 26.98 -15.84
N GLU A 300 -19.57 27.12 -16.05
CA GLU A 300 -20.30 28.25 -15.51
C GLU A 300 -20.41 28.14 -14.00
N ILE A 301 -20.66 26.94 -13.49
CA ILE A 301 -21.00 26.78 -12.07
C ILE A 301 -19.77 26.79 -11.22
N MET A 302 -18.66 26.30 -11.75
CA MET A 302 -17.46 26.04 -10.94
C MET A 302 -16.16 26.69 -11.39
N LEU A 303 -15.95 26.83 -12.69
CA LEU A 303 -14.79 27.56 -13.15
C LEU A 303 -14.97 29.06 -12.87
N GLN A 304 -16.20 29.57 -12.97
CA GLN A 304 -16.39 31.02 -12.80
C GLN A 304 -16.02 31.47 -11.39
N PRO A 305 -16.58 30.83 -10.36
CA PRO A 305 -16.19 31.19 -9.01
C PRO A 305 -14.68 31.10 -8.80
N LEU A 306 -14.04 30.08 -9.39
CA LEU A 306 -12.60 29.95 -9.30
C LEU A 306 -11.90 31.14 -9.95
N TRP A 307 -12.38 31.60 -11.10
CA TRP A 307 -11.77 32.78 -11.71
C TRP A 307 -11.92 33.98 -10.82
N GLU A 308 -13.11 34.15 -10.26
CA GLU A 308 -13.38 35.28 -9.37
C GLU A 308 -12.52 35.24 -8.11
N SER A 309 -12.31 34.04 -7.57
CA SER A 309 -11.52 33.89 -6.36
C SER A 309 -10.06 34.18 -6.64
N ARG A 310 -9.55 33.60 -7.72
CA ARG A 310 -8.19 33.88 -8.15
C ARG A 310 -7.96 35.42 -8.15
N ASP A 311 -8.88 36.14 -8.77
CA ASP A 311 -8.70 37.58 -8.99
C ASP A 311 -8.77 38.37 -7.68
N ARG A 312 -9.64 37.92 -6.79
CA ARG A 312 -9.78 38.55 -5.47
C ARG A 312 -8.53 38.30 -4.60
N TYR A 313 -8.00 37.10 -4.65
CA TYR A 313 -6.80 36.84 -3.87
C TYR A 313 -5.63 37.63 -4.42
N GLU A 314 -5.59 37.81 -5.72
CA GLU A 314 -4.57 38.67 -6.33
C GLU A 314 -4.67 40.11 -5.85
N GLU A 315 -5.88 40.63 -5.74
CA GLU A 315 -6.10 41.95 -5.16
C GLU A 315 -5.61 42.02 -3.71
N LEU A 316 -6.02 41.03 -2.92
CA LEU A 316 -5.72 40.98 -1.49
C LEU A 316 -4.22 40.95 -1.24
N LYS A 317 -3.53 40.18 -2.08
CA LYS A 317 -2.09 40.15 -2.05
C LYS A 317 -1.49 41.51 -2.31
N ARG A 318 -2.00 42.24 -3.29
CA ARG A 318 -1.46 43.56 -3.60
C ARG A 318 -1.45 44.37 -2.28
N ILE A 319 -2.50 44.20 -1.47
CA ILE A 319 -2.67 45.01 -0.27
C ILE A 319 -1.92 44.45 0.95
N ASP A 320 -1.85 43.12 1.06
CA ASP A 320 -1.00 42.48 2.08
C ASP A 320 0.46 42.92 1.97
N ASP A 321 0.92 43.01 0.73
CA ASP A 321 2.31 43.28 0.40
C ASP A 321 2.59 44.72 0.80
N ALA A 322 1.72 45.63 0.38
CA ALA A 322 1.78 47.02 0.78
C ALA A 322 1.91 47.08 2.29
N MET A 323 1.07 46.30 2.95
CA MET A 323 0.91 46.43 4.37
C MET A 323 2.25 46.05 5.03
N LYS A 324 2.92 45.03 4.50
CA LYS A 324 4.27 44.68 4.98
C LYS A 324 5.39 45.58 4.46
N GLU A 325 5.03 46.62 3.70
CA GLU A 325 5.95 47.62 3.14
C GLU A 325 6.13 48.84 4.10
N LEU A 326 5.14 48.96 5.00
CA LEU A 326 5.33 49.40 6.38
C LEU A 326 6.06 48.19 7.05
N GLN A 327 6.41 48.25 8.32
CA GLN A 327 7.07 47.06 8.95
C GLN A 327 8.51 46.73 8.47
N LYS A 328 9.10 45.67 9.02
CA LYS A 328 10.16 44.91 8.34
C LYS A 328 11.42 45.76 8.17
N GLY B 1 40.37 -30.60 10.87
CA GLY B 1 40.87 -29.26 11.37
C GLY B 1 41.41 -29.29 12.81
N SER B 2 40.58 -28.89 13.78
CA SER B 2 41.08 -28.08 14.92
C SER B 2 41.57 -28.85 16.16
N HIS B 3 42.45 -28.19 16.91
CA HIS B 3 43.20 -28.82 18.01
C HIS B 3 42.37 -28.99 19.31
N MET B 4 41.19 -28.38 19.33
CA MET B 4 40.26 -28.52 20.46
C MET B 4 38.85 -28.33 19.89
N THR B 5 37.85 -28.60 20.72
CA THR B 5 36.47 -28.53 20.29
C THR B 5 35.90 -27.18 20.64
N TYR B 6 35.16 -26.59 19.71
CA TYR B 6 34.50 -25.33 20.01
C TYR B 6 32.98 -25.51 19.96
N PRO B 7 32.25 -24.76 20.79
CA PRO B 7 30.80 -24.62 20.68
C PRO B 7 30.30 -24.44 19.25
N LYS B 8 29.12 -24.97 18.98
CA LYS B 8 28.56 -25.04 17.65
C LYS B 8 28.31 -23.63 17.07
N TYR B 9 28.08 -22.67 17.97
CA TYR B 9 27.85 -21.28 17.54
C TYR B 9 29.14 -20.51 17.25
N LEU B 10 30.29 -21.14 17.48
CA LEU B 10 31.51 -20.73 16.82
C LEU B 10 31.60 -21.57 15.56
N LEU B 11 31.30 -20.95 14.43
CA LEU B 11 31.30 -21.65 13.14
C LEU B 11 32.70 -22.08 12.83
N SER B 12 32.88 -23.31 12.36
CA SER B 12 34.20 -23.77 11.94
C SER B 12 34.62 -23.12 10.61
N PRO B 13 35.92 -23.10 10.33
CA PRO B 13 36.38 -22.63 9.04
C PRO B 13 35.69 -23.30 7.88
N GLU B 14 35.45 -24.60 8.00
CA GLU B 14 34.82 -25.34 6.92
C GLU B 14 33.39 -24.82 6.70
N THR B 15 32.66 -24.53 7.78
CA THR B 15 31.30 -24.00 7.64
C THR B 15 31.34 -22.66 6.94
N ILE B 16 32.21 -21.78 7.44
CA ILE B 16 32.38 -20.43 6.84
C ILE B 16 32.61 -20.49 5.33
N GLU B 17 33.46 -21.39 4.90
CA GLU B 17 33.67 -21.62 3.47
C GLU B 17 32.40 -22.11 2.75
N ALA B 18 31.72 -23.11 3.32
CA ALA B 18 30.57 -23.75 2.70
C ALA B 18 29.39 -22.77 2.58
N LEU B 19 29.32 -21.81 3.51
CA LEU B 19 28.20 -20.87 3.56
C LEU B 19 28.12 -20.04 2.28
N ARG B 20 29.21 -19.94 1.55
CA ARG B 20 29.27 -19.05 0.37
C ARG B 20 28.66 -19.66 -0.85
N LYS B 21 28.22 -20.91 -0.75
CA LYS B 21 27.77 -21.61 -1.93
C LYS B 21 26.37 -22.14 -1.72
N PRO B 22 25.59 -22.22 -2.81
CA PRO B 22 24.19 -22.64 -2.82
C PRO B 22 23.98 -24.11 -2.49
N THR B 23 25.07 -24.88 -2.41
CA THR B 23 25.03 -26.26 -1.95
C THR B 23 24.91 -26.45 -0.42
N PHE B 24 25.06 -25.36 0.34
CA PHE B 24 25.03 -25.42 1.81
C PHE B 24 23.82 -26.18 2.34
N ASP B 25 24.02 -27.11 3.29
CA ASP B 25 22.91 -27.88 3.84
C ASP B 25 22.22 -27.13 4.97
N VAL B 26 21.17 -26.44 4.59
CA VAL B 26 20.41 -25.59 5.48
C VAL B 26 19.74 -26.39 6.63
N TRP B 27 19.73 -27.73 6.55
CA TRP B 27 19.10 -28.58 7.56
C TRP B 27 20.04 -29.01 8.70
N LEU B 28 21.34 -28.80 8.54
CA LEU B 28 22.28 -29.29 9.53
C LEU B 28 22.26 -28.49 10.83
N TRP B 29 21.64 -27.33 10.81
CA TRP B 29 21.94 -26.34 11.80
C TRP B 29 20.78 -26.00 12.70
N GLU B 30 21.08 -25.73 13.95
CA GLU B 30 20.09 -25.16 14.85
C GLU B 30 19.99 -23.64 14.76
N PRO B 31 18.90 -23.08 15.29
CA PRO B 31 18.71 -21.65 15.14
C PRO B 31 19.94 -20.83 15.47
N ASN B 32 20.58 -21.15 16.59
CA ASN B 32 21.69 -20.30 17.05
C ASN B 32 22.86 -20.38 16.05
N GLU B 33 23.02 -21.54 15.44
CA GLU B 33 24.06 -21.68 14.43
C GLU B 33 23.71 -20.86 13.19
N MET B 34 22.45 -20.93 12.80
CA MET B 34 21.97 -20.15 11.64
C MET B 34 22.12 -18.65 11.91
N LEU B 35 21.86 -18.23 13.15
CA LEU B 35 22.06 -16.82 13.56
C LEU B 35 23.52 -16.40 13.42
N SER B 36 24.43 -17.30 13.80
CA SER B 36 25.86 -17.02 13.69
C SER B 36 26.25 -16.91 12.24
N CYS B 37 25.63 -17.74 11.41
CA CYS B 37 25.79 -17.60 9.96
C CYS B 37 25.34 -16.26 9.45
N LEU B 38 24.17 -15.80 9.87
CA LEU B 38 23.67 -14.55 9.29
C LEU B 38 24.62 -13.43 9.72
N GLU B 39 24.99 -13.46 11.00
CA GLU B 39 25.96 -12.51 11.58
C GLU B 39 27.26 -12.46 10.76
N HIS B 40 27.81 -13.63 10.44
CA HIS B 40 29.07 -13.69 9.72
C HIS B 40 28.90 -13.03 8.36
N MET B 41 27.77 -13.29 7.70
CA MET B 41 27.50 -12.64 6.41
C MET B 41 27.63 -11.11 6.53
N TYR B 42 27.14 -10.53 7.60
CA TYR B 42 27.15 -9.05 7.64
C TYR B 42 28.59 -8.56 7.78
N HIS B 43 29.40 -9.32 8.52
CA HIS B 43 30.80 -8.94 8.70
C HIS B 43 31.53 -9.20 7.42
N ASP B 44 31.32 -10.38 6.86
CA ASP B 44 32.06 -10.82 5.70
C ASP B 44 31.79 -9.97 4.45
N LEU B 45 30.59 -9.42 4.34
CA LEU B 45 30.28 -8.60 3.15
C LEU B 45 30.70 -7.16 3.33
N GLY B 46 31.32 -6.85 4.47
CA GLY B 46 31.79 -5.50 4.80
C GLY B 46 30.70 -4.58 5.31
N LEU B 47 29.50 -5.11 5.54
CA LEU B 47 28.38 -4.24 5.90
C LEU B 47 28.56 -3.70 7.34
N VAL B 48 29.12 -4.53 8.23
CA VAL B 48 29.39 -4.06 9.58
C VAL B 48 30.43 -2.93 9.46
N ARG B 49 31.43 -3.13 8.62
CA ARG B 49 32.42 -2.12 8.42
C ARG B 49 31.84 -0.83 7.79
N ASP B 50 31.10 -0.95 6.71
CA ASP B 50 30.77 0.23 5.91
C ASP B 50 29.56 1.00 6.43
N PHE B 51 28.83 0.42 7.36
CA PHE B 51 27.69 1.13 7.92
C PHE B 51 27.77 1.28 9.45
N SER B 52 28.96 1.03 9.97
CA SER B 52 29.24 1.18 11.39
C SER B 52 28.23 0.47 12.23
N ILE B 53 27.85 -0.75 11.86
CA ILE B 53 26.80 -1.44 12.58
C ILE B 53 27.47 -1.88 13.85
N ASN B 54 26.87 -1.55 14.99
CA ASN B 54 27.40 -1.99 16.27
C ASN B 54 27.18 -3.53 16.36
N PRO B 55 28.28 -4.30 16.48
CA PRO B 55 28.27 -5.75 16.42
C PRO B 55 27.36 -6.44 17.42
N VAL B 56 27.19 -5.86 18.59
CA VAL B 56 26.22 -6.43 19.54
C VAL B 56 24.79 -6.15 19.07
N THR B 57 24.57 -4.96 18.54
CA THR B 57 23.26 -4.68 17.99
C THR B 57 22.93 -5.62 16.85
N LEU B 58 23.89 -5.88 15.97
CA LEU B 58 23.67 -6.85 14.88
C LEU B 58 23.15 -8.18 15.42
N ARG B 59 23.69 -8.63 16.56
CA ARG B 59 23.25 -9.87 17.18
C ARG B 59 21.88 -9.75 17.79
N ARG B 60 21.66 -8.66 18.55
CA ARG B 60 20.32 -8.46 19.15
C ARG B 60 19.28 -8.46 18.05
N TRP B 61 19.59 -7.74 16.99
CA TRP B 61 18.67 -7.58 15.89
C TRP B 61 18.35 -8.94 15.31
N LEU B 62 19.37 -9.74 14.99
CA LEU B 62 19.13 -11.07 14.42
C LEU B 62 18.32 -11.99 15.35
N PHE B 63 18.56 -11.88 16.66
CA PHE B 63 17.83 -12.67 17.62
C PHE B 63 16.38 -12.24 17.64
N CYS B 64 16.19 -10.93 17.59
CA CYS B 64 14.84 -10.40 17.59
C CYS B 64 14.10 -10.79 16.31
N VAL B 65 14.77 -10.69 15.17
CA VAL B 65 14.15 -11.15 13.92
C VAL B 65 13.78 -12.62 14.05
N HIS B 66 14.72 -13.41 14.53
CA HIS B 66 14.42 -14.81 14.76
C HIS B 66 13.16 -15.00 15.62
N ASP B 67 12.99 -14.21 16.67
CA ASP B 67 11.84 -14.38 17.54
C ASP B 67 10.53 -14.04 16.85
N ASN B 68 10.59 -13.17 15.84
CA ASN B 68 9.37 -12.72 15.16
C ASN B 68 9.06 -13.51 13.91
N TYR B 69 9.85 -14.53 13.62
CA TYR B 69 9.36 -15.57 12.71
C TYR B 69 8.52 -16.56 13.51
N ARG B 70 7.44 -17.06 12.91
CA ARG B 70 6.59 -18.05 13.54
C ARG B 70 6.96 -19.45 13.17
N ASN B 71 6.47 -20.39 13.98
CA ASN B 71 6.80 -21.81 13.81
C ASN B 71 5.82 -22.46 12.87
N ASN B 72 5.80 -21.96 11.63
CA ASN B 72 5.04 -22.53 10.53
C ASN B 72 5.81 -23.69 9.89
N PRO B 73 5.09 -24.58 9.18
CA PRO B 73 5.76 -25.67 8.44
C PRO B 73 6.74 -25.17 7.39
N PHE B 74 6.38 -24.09 6.70
CA PHE B 74 7.22 -23.61 5.62
C PHE B 74 7.78 -22.19 5.87
N HIS B 75 6.90 -21.23 6.13
CA HIS B 75 7.28 -19.81 6.31
C HIS B 75 7.77 -19.53 7.72
N ASN B 76 8.98 -20.02 7.98
CA ASN B 76 9.57 -20.06 9.31
C ASN B 76 11.01 -19.53 9.25
N PHE B 77 11.68 -19.51 10.40
CA PHE B 77 12.97 -18.89 10.46
C PHE B 77 13.96 -19.57 9.53
N ARG B 78 13.83 -20.89 9.39
CA ARG B 78 14.77 -21.61 8.54
C ARG B 78 14.59 -21.23 7.06
N HIS B 79 13.36 -20.96 6.64
CA HIS B 79 13.14 -20.52 5.28
C HIS B 79 13.83 -19.17 5.09
N CYS B 80 13.68 -18.31 6.08
CA CYS B 80 14.29 -17.00 6.03
C CYS B 80 15.79 -17.16 5.87
N PHE B 81 16.34 -18.10 6.63
CA PHE B 81 17.76 -18.42 6.51
C PHE B 81 18.13 -18.86 5.06
N CYS B 82 17.32 -19.70 4.43
CA CYS B 82 17.59 -20.11 3.05
C CYS B 82 17.64 -18.93 2.11
N VAL B 83 16.64 -18.07 2.22
CA VAL B 83 16.53 -16.97 1.29
C VAL B 83 17.75 -16.05 1.44
N ALA B 84 18.13 -15.79 2.70
CA ALA B 84 19.30 -14.96 2.97
C ALA B 84 20.58 -15.64 2.48
N GLN B 85 20.68 -16.94 2.73
CA GLN B 85 21.89 -17.66 2.38
C GLN B 85 22.03 -17.76 0.86
N MET B 86 20.90 -17.84 0.18
CA MET B 86 20.94 -17.89 -1.26
C MET B 86 21.34 -16.53 -1.80
N MET B 87 20.99 -15.46 -1.10
CA MET B 87 21.36 -14.12 -1.56
C MET B 87 22.87 -13.90 -1.37
N TYR B 88 23.35 -14.38 -0.25
CA TYR B 88 24.75 -14.40 0.03
C TYR B 88 25.47 -15.20 -1.07
N SER B 89 24.94 -16.37 -1.42
CA SER B 89 25.57 -17.18 -2.49
C SER B 89 25.61 -16.43 -3.82
N MET B 90 24.51 -15.75 -4.10
CA MET B 90 24.38 -14.99 -5.33
C MET B 90 25.33 -13.81 -5.41
N VAL B 91 25.61 -13.19 -4.26
CA VAL B 91 26.56 -12.10 -4.23
C VAL B 91 27.91 -12.54 -4.75
N TRP B 92 28.37 -13.70 -4.31
CA TRP B 92 29.66 -14.25 -4.75
C TRP B 92 29.56 -14.82 -6.15
N LEU B 93 28.58 -15.68 -6.38
CA LEU B 93 28.42 -16.32 -7.67
C LEU B 93 28.42 -15.25 -8.79
N CYS B 94 27.65 -14.20 -8.60
CA CYS B 94 27.48 -13.17 -9.62
C CYS B 94 28.37 -11.97 -9.48
N SER B 95 29.32 -12.02 -8.55
CA SER B 95 30.20 -10.88 -8.27
C SER B 95 29.38 -9.60 -8.15
N LEU B 96 28.36 -9.66 -7.31
CA LEU B 96 27.45 -8.55 -7.22
C LEU B 96 28.15 -7.32 -6.63
N GLN B 97 29.29 -7.50 -5.95
CA GLN B 97 29.97 -6.36 -5.32
C GLN B 97 30.63 -5.46 -6.35
N GLU B 98 30.82 -5.98 -7.56
CA GLU B 98 31.30 -5.19 -8.70
C GLU B 98 30.22 -4.29 -9.30
N LYS B 99 28.96 -4.65 -9.11
CA LYS B 99 27.86 -4.02 -9.84
C LYS B 99 27.05 -3.10 -8.93
N PHE B 100 26.99 -3.46 -7.66
CA PHE B 100 26.08 -2.84 -6.72
C PHE B 100 26.85 -2.11 -5.63
N SER B 101 26.31 -1.03 -5.13
CA SER B 101 26.91 -0.36 -3.99
C SER B 101 26.73 -1.23 -2.77
N GLN B 102 27.44 -0.88 -1.71
CA GLN B 102 27.25 -1.57 -0.45
C GLN B 102 25.84 -1.28 0.09
N THR B 103 25.37 -0.05 -0.10
CA THR B 103 23.99 0.26 0.29
C THR B 103 23.04 -0.73 -0.36
N ASP B 104 23.21 -1.01 -1.66
CA ASP B 104 22.35 -2.01 -2.31
C ASP B 104 22.51 -3.41 -1.75
N ILE B 105 23.74 -3.78 -1.43
CA ILE B 105 23.97 -5.11 -0.88
C ILE B 105 23.26 -5.20 0.49
N LEU B 106 23.30 -4.11 1.24
CA LEU B 106 22.67 -4.06 2.55
C LEU B 106 21.16 -4.25 2.40
N ILE B 107 20.59 -3.57 1.40
CA ILE B 107 19.18 -3.67 1.08
C ILE B 107 18.84 -5.13 0.73
N LEU B 108 19.59 -5.72 -0.19
CA LEU B 108 19.25 -7.06 -0.64
C LEU B 108 19.25 -8.01 0.56
N MET B 109 20.29 -7.91 1.38
CA MET B 109 20.46 -8.86 2.48
C MET B 109 19.41 -8.67 3.59
N THR B 110 19.20 -7.43 4.00
CA THR B 110 18.27 -7.15 5.08
C THR B 110 16.81 -7.43 4.61
N ALA B 111 16.50 -7.12 3.34
CA ALA B 111 15.18 -7.47 2.78
C ALA B 111 15.02 -8.95 2.84
N ALA B 112 16.09 -9.65 2.46
CA ALA B 112 16.07 -11.12 2.38
C ALA B 112 15.80 -11.74 3.75
N ILE B 113 16.40 -11.17 4.79
CA ILE B 113 16.23 -11.67 6.15
C ILE B 113 14.84 -11.36 6.66
N CYS B 114 14.27 -10.24 6.23
CA CYS B 114 13.03 -9.79 6.85
C CYS B 114 11.76 -10.12 6.05
N HIS B 115 11.93 -10.65 4.85
CA HIS B 115 10.83 -10.66 3.87
C HIS B 115 9.58 -11.45 4.29
N ASP B 116 9.67 -12.35 5.27
CA ASP B 116 8.51 -13.17 5.69
C ASP B 116 8.26 -13.05 7.20
N LEU B 117 8.64 -11.93 7.77
CA LEU B 117 8.48 -11.72 9.22
C LEU B 117 7.01 -11.91 9.64
N ASP B 118 6.81 -12.64 10.72
CA ASP B 118 5.49 -12.82 11.31
C ASP B 118 4.41 -13.30 10.36
N HIS B 119 4.79 -14.19 9.44
CA HIS B 119 3.85 -14.81 8.55
C HIS B 119 2.91 -15.68 9.36
N PRO B 120 1.61 -15.56 9.11
CA PRO B 120 0.64 -16.37 9.81
C PRO B 120 0.47 -17.80 9.28
N GLY B 121 1.01 -18.10 8.11
CA GLY B 121 0.87 -19.45 7.53
C GLY B 121 -0.36 -19.66 6.64
N TYR B 122 -1.04 -18.56 6.31
CA TYR B 122 -2.11 -18.54 5.34
C TYR B 122 -1.93 -17.33 4.42
N ASN B 123 -2.08 -17.56 3.12
CA ASN B 123 -1.63 -16.59 2.12
C ASN B 123 -2.61 -15.43 1.98
N ASN B 124 -2.29 -14.50 1.10
CA ASN B 124 -3.08 -13.30 0.90
C ASN B 124 -4.53 -13.60 0.51
N THR B 125 -4.73 -14.62 -0.32
CA THR B 125 -6.08 -14.96 -0.72
C THR B 125 -6.89 -15.35 0.50
N TYR B 126 -6.31 -16.10 1.41
CA TYR B 126 -7.04 -16.40 2.65
C TYR B 126 -7.35 -15.14 3.44
N GLN B 127 -6.37 -14.26 3.57
CA GLN B 127 -6.61 -13.02 4.32
C GLN B 127 -7.76 -12.20 3.73
N ILE B 128 -7.77 -12.10 2.38
CA ILE B 128 -8.77 -11.29 1.68
C ILE B 128 -10.11 -11.94 1.72
N ASN B 129 -10.18 -13.22 1.45
CA ASN B 129 -11.45 -13.93 1.50
C ASN B 129 -12.08 -14.01 2.88
N ALA B 130 -11.25 -14.27 3.88
CA ALA B 130 -11.75 -14.36 5.26
C ALA B 130 -11.90 -12.96 5.84
N ARG B 131 -11.51 -11.94 5.09
CA ARG B 131 -11.63 -10.58 5.58
C ARG B 131 -10.97 -10.40 6.94
N THR B 132 -9.72 -10.81 7.04
CA THR B 132 -8.99 -10.77 8.28
C THR B 132 -8.59 -9.33 8.64
N GLU B 133 -8.07 -9.15 9.85
CA GLU B 133 -7.61 -7.85 10.28
C GLU B 133 -6.54 -7.31 9.37
N LEU B 134 -5.57 -8.14 9.00
CA LEU B 134 -4.56 -7.73 8.00
C LEU B 134 -5.20 -7.31 6.68
N ALA B 135 -6.13 -8.09 6.12
CA ALA B 135 -6.79 -7.69 4.86
C ALA B 135 -7.40 -6.30 5.01
N VAL B 136 -8.11 -6.11 6.11
CA VAL B 136 -8.78 -4.83 6.34
C VAL B 136 -7.78 -3.71 6.62
N ARG B 137 -6.70 -4.03 7.32
CA ARG B 137 -5.71 -3.01 7.65
C ARG B 137 -5.05 -2.47 6.37
N TYR B 138 -4.85 -3.35 5.40
CA TYR B 138 -4.07 -3.02 4.22
C TYR B 138 -4.95 -2.98 2.99
N ASN B 139 -6.26 -2.98 3.19
CA ASN B 139 -7.16 -2.71 2.08
C ASN B 139 -6.97 -3.71 0.90
N ASP B 140 -6.73 -4.98 1.23
CA ASP B 140 -6.57 -6.06 0.24
C ASP B 140 -5.31 -5.99 -0.63
N ILE B 141 -4.41 -5.06 -0.32
CA ILE B 141 -3.18 -4.87 -1.10
C ILE B 141 -2.01 -5.58 -0.42
N SER B 142 -1.53 -6.66 -1.03
CA SER B 142 -0.39 -7.43 -0.50
C SER B 142 -0.30 -7.31 1.00
N PRO B 143 -1.34 -7.80 1.68
CA PRO B 143 -1.40 -7.56 3.12
C PRO B 143 -0.24 -8.22 3.86
N LEU B 144 0.07 -9.48 3.53
CA LEU B 144 1.14 -10.19 4.20
C LEU B 144 2.44 -9.42 4.07
N GLU B 145 2.78 -9.10 2.82
CA GLU B 145 4.06 -8.50 2.54
C GLU B 145 4.17 -7.11 3.16
N ASN B 146 3.09 -6.32 3.13
CA ASN B 146 3.05 -5.06 3.85
C ASN B 146 3.35 -5.32 5.34
N HIS B 147 2.81 -6.43 5.86
CA HIS B 147 2.95 -6.75 7.27
C HIS B 147 4.38 -7.13 7.63
N HIS B 148 4.97 -7.96 6.79
CA HIS B 148 6.34 -8.39 7.00
C HIS B 148 7.19 -7.14 7.09
N CYS B 149 6.93 -6.25 6.15
CA CYS B 149 7.74 -5.05 6.06
C CYS B 149 7.51 -4.12 7.27
N ALA B 150 6.27 -4.00 7.71
CA ALA B 150 5.98 -3.18 8.88
C ALA B 150 6.68 -3.79 10.09
N VAL B 151 6.62 -5.09 10.22
CA VAL B 151 7.26 -5.72 11.37
C VAL B 151 8.79 -5.50 11.32
N ALA B 152 9.36 -5.58 10.12
CA ALA B 152 10.80 -5.33 9.95
C ALA B 152 11.20 -3.99 10.55
N PHE B 153 10.37 -2.99 10.34
CA PHE B 153 10.77 -1.65 10.70
C PHE B 153 10.37 -1.32 12.10
N GLN B 154 9.40 -2.07 12.61
CA GLN B 154 9.07 -2.04 14.02
C GLN B 154 10.25 -2.54 14.85
N ILE B 155 10.83 -3.64 14.42
CA ILE B 155 12.05 -4.18 15.04
C ILE B 155 13.22 -3.20 14.97
N LEU B 156 13.48 -2.67 13.78
CA LEU B 156 14.61 -1.74 13.62
C LEU B 156 14.39 -0.45 14.38
N ALA B 157 13.16 -0.12 14.74
CA ALA B 157 12.91 1.09 15.50
C ALA B 157 13.17 0.89 17.00
N GLU B 158 13.25 -0.35 17.47
CA GLU B 158 13.68 -0.58 18.85
C GLU B 158 15.18 -0.32 18.92
N PRO B 159 15.60 0.63 19.74
CA PRO B 159 16.97 1.14 19.68
C PRO B 159 18.03 0.05 19.85
N GLU B 160 17.74 -0.95 20.66
CA GLU B 160 18.69 -2.00 20.90
C GLU B 160 18.84 -2.90 19.71
N CYS B 161 17.91 -2.83 18.75
CA CYS B 161 18.00 -3.62 17.52
C CYS B 161 18.30 -2.79 16.25
N ASN B 162 18.58 -1.50 16.41
CA ASN B 162 18.66 -0.66 15.23
C ASN B 162 20.03 -0.72 14.59
N ILE B 163 20.24 -1.72 13.75
CA ILE B 163 21.52 -1.86 13.06
C ILE B 163 21.82 -0.68 12.12
N PHE B 164 20.84 0.17 11.89
CA PHE B 164 21.03 1.36 11.06
C PHE B 164 21.30 2.62 11.88
N SER B 165 21.48 2.48 13.18
CA SER B 165 21.59 3.64 14.08
C SER B 165 22.76 4.59 13.75
N ASN B 166 23.79 4.10 13.09
CA ASN B 166 24.90 4.96 12.69
C ASN B 166 24.90 5.37 11.24
N ILE B 167 23.80 5.10 10.53
CA ILE B 167 23.63 5.59 9.18
C ILE B 167 22.93 6.95 9.29
N PRO B 168 23.36 7.96 8.52
CA PRO B 168 22.63 9.23 8.47
C PRO B 168 21.24 9.08 7.87
N PRO B 169 20.34 10.04 8.12
CA PRO B 169 18.95 9.92 7.67
C PRO B 169 18.78 9.71 6.17
N ASP B 170 19.57 10.42 5.37
CA ASP B 170 19.51 10.23 3.93
C ASP B 170 19.79 8.77 3.55
N GLY B 171 20.83 8.18 4.13
CA GLY B 171 21.08 6.75 3.97
C GLY B 171 19.90 5.90 4.43
N PHE B 172 19.39 6.19 5.63
CA PHE B 172 18.30 5.43 6.15
C PHE B 172 17.12 5.44 5.21
N LYS B 173 16.72 6.63 4.80
CA LYS B 173 15.64 6.76 3.86
C LYS B 173 15.86 5.92 2.58
N GLN B 174 17.08 5.92 2.10
CA GLN B 174 17.40 5.20 0.89
C GLN B 174 17.27 3.68 1.09
N ILE B 175 17.74 3.21 2.24
CA ILE B 175 17.71 1.78 2.56
C ILE B 175 16.26 1.36 2.78
N ARG B 176 15.51 2.20 3.50
CA ARG B 176 14.14 1.87 3.86
C ARG B 176 13.32 1.71 2.59
N GLN B 177 13.42 2.69 1.71
CA GLN B 177 12.71 2.66 0.43
C GLN B 177 13.01 1.39 -0.33
N GLY B 178 14.28 1.04 -0.42
CA GLY B 178 14.69 -0.15 -1.14
C GLY B 178 14.13 -1.40 -0.52
N MET B 179 14.16 -1.49 0.80
CA MET B 179 13.73 -2.68 1.45
C MET B 179 12.24 -2.85 1.30
N ILE B 180 11.50 -1.74 1.35
CA ILE B 180 10.07 -1.81 1.15
C ILE B 180 9.80 -2.33 -0.26
N THR B 181 10.39 -1.72 -1.27
CA THR B 181 10.15 -2.18 -2.65
C THR B 181 10.44 -3.67 -2.79
N LEU B 182 11.54 -4.12 -2.19
CA LEU B 182 11.96 -5.49 -2.39
C LEU B 182 11.08 -6.46 -1.61
N ILE B 183 10.76 -6.15 -0.35
CA ILE B 183 9.87 -7.04 0.38
C ILE B 183 8.50 -7.08 -0.30
N LEU B 184 8.02 -5.94 -0.78
CA LEU B 184 6.71 -5.94 -1.45
C LEU B 184 6.73 -6.74 -2.73
N ALA B 185 7.90 -6.81 -3.36
CA ALA B 185 8.06 -7.51 -4.64
C ALA B 185 7.91 -9.02 -4.49
N THR B 186 7.96 -9.52 -3.26
CA THR B 186 7.94 -10.93 -3.03
C THR B 186 6.53 -11.51 -3.15
N ASP B 187 5.49 -10.69 -3.20
CA ASP B 187 4.14 -11.20 -3.38
C ASP B 187 3.98 -11.86 -4.76
N MET B 188 3.72 -13.17 -4.79
CA MET B 188 3.69 -13.86 -6.07
C MET B 188 2.52 -13.45 -6.96
N ALA B 189 1.54 -12.75 -6.41
CA ALA B 189 0.49 -12.18 -7.26
C ALA B 189 1.08 -11.20 -8.30
N ARG B 190 2.29 -10.71 -8.06
CA ARG B 190 2.89 -9.71 -8.91
C ARG B 190 3.96 -10.27 -9.82
N HIS B 191 4.08 -11.59 -9.82
CA HIS B 191 5.16 -12.24 -10.52
C HIS B 191 5.22 -11.84 -11.99
N ALA B 192 4.16 -12.12 -12.73
CA ALA B 192 4.11 -11.91 -14.17
C ALA B 192 4.40 -10.44 -14.51
N GLU B 193 3.83 -9.53 -13.71
CA GLU B 193 4.04 -8.07 -13.87
C GLU B 193 5.54 -7.73 -13.73
N ILE B 194 6.14 -8.20 -12.64
CA ILE B 194 7.52 -7.86 -12.34
C ILE B 194 8.42 -8.46 -13.42
N MET B 195 8.18 -9.71 -13.75
CA MET B 195 8.91 -10.37 -14.81
C MET B 195 8.85 -9.63 -16.14
N ASP B 196 7.66 -9.15 -16.49
CA ASP B 196 7.51 -8.39 -17.73
C ASP B 196 8.31 -7.10 -17.71
N SER B 197 8.24 -6.37 -16.59
CA SER B 197 8.97 -5.11 -16.50
C SER B 197 10.45 -5.37 -16.64
N PHE B 198 10.91 -6.43 -15.99
CA PHE B 198 12.31 -6.75 -16.06
C PHE B 198 12.69 -7.08 -17.51
N LYS B 199 11.90 -7.93 -18.16
CA LYS B 199 12.21 -8.33 -19.53
C LYS B 199 12.30 -7.14 -20.47
N GLU B 200 11.49 -6.12 -20.21
CA GLU B 200 11.52 -4.86 -20.97
C GLU B 200 12.89 -4.19 -20.82
N LYS B 201 13.36 -4.09 -19.59
CA LYS B 201 14.64 -3.44 -19.32
C LYS B 201 15.76 -4.26 -19.88
N MET B 202 15.60 -5.58 -19.88
CA MET B 202 16.61 -6.50 -20.38
C MET B 202 16.90 -6.31 -21.88
N GLU B 203 15.91 -5.83 -22.63
CA GLU B 203 16.10 -5.52 -24.04
C GLU B 203 17.32 -4.61 -24.27
N ASN B 204 17.70 -3.82 -23.26
CA ASN B 204 18.90 -3.00 -23.31
C ASN B 204 19.35 -2.57 -21.91
N PHE B 205 19.70 -3.57 -21.10
CA PHE B 205 19.93 -3.35 -19.69
C PHE B 205 21.05 -2.38 -19.48
N ASP B 206 21.00 -1.61 -18.41
CA ASP B 206 21.92 -0.51 -18.16
C ASP B 206 22.15 -0.42 -16.66
N TYR B 207 23.32 -0.87 -16.20
CA TYR B 207 23.62 -0.94 -14.75
C TYR B 207 23.69 0.43 -14.05
N SER B 208 23.72 1.50 -14.82
CA SER B 208 23.76 2.84 -14.24
C SER B 208 22.36 3.45 -14.12
N ASN B 209 21.33 2.75 -14.58
CA ASN B 209 19.97 3.26 -14.54
C ASN B 209 19.22 2.67 -13.33
N GLU B 210 18.94 3.54 -12.36
CA GLU B 210 18.31 3.18 -11.08
C GLU B 210 17.06 2.32 -11.24
N GLU B 211 16.24 2.60 -12.24
CA GLU B 211 15.04 1.78 -12.50
C GLU B 211 15.40 0.38 -12.96
N HIS B 212 16.42 0.28 -13.81
CA HIS B 212 16.93 -1.02 -14.20
C HIS B 212 17.39 -1.78 -12.95
N MET B 213 18.07 -1.10 -12.05
CA MET B 213 18.65 -1.79 -10.89
C MET B 213 17.62 -2.20 -9.85
N THR B 214 16.58 -1.38 -9.67
CA THR B 214 15.51 -1.72 -8.76
C THR B 214 14.90 -3.02 -9.24
N LEU B 215 14.64 -3.08 -10.54
CA LEU B 215 14.04 -4.28 -11.11
C LEU B 215 14.95 -5.49 -10.96
N LEU B 216 16.23 -5.31 -11.19
CA LEU B 216 17.18 -6.41 -10.97
C LEU B 216 17.13 -6.88 -9.51
N LYS B 217 17.19 -5.94 -8.59
CA LYS B 217 17.17 -6.29 -7.18
C LYS B 217 15.87 -7.01 -6.87
N MET B 218 14.77 -6.54 -7.44
CA MET B 218 13.49 -7.21 -7.27
C MET B 218 13.57 -8.66 -7.76
N ILE B 219 14.15 -8.84 -8.94
CA ILE B 219 14.29 -10.19 -9.44
C ILE B 219 15.18 -11.02 -8.50
N LEU B 220 16.26 -10.45 -8.03
CA LEU B 220 17.17 -11.21 -7.18
C LEU B 220 16.47 -11.69 -5.91
N ILE B 221 15.69 -10.81 -5.27
CA ILE B 221 15.02 -11.27 -4.07
C ILE B 221 13.96 -12.33 -4.43
N LYS B 222 13.32 -12.17 -5.58
CA LYS B 222 12.30 -13.14 -5.96
C LYS B 222 12.96 -14.48 -6.22
N CYS B 223 14.08 -14.47 -6.91
CA CYS B 223 14.90 -15.68 -7.06
C CYS B 223 15.20 -16.36 -5.76
N CYS B 224 15.78 -15.63 -4.81
CA CYS B 224 16.22 -16.25 -3.57
C CYS B 224 15.04 -16.80 -2.80
N ASP B 225 13.93 -16.07 -2.80
CA ASP B 225 12.73 -16.50 -2.10
C ASP B 225 12.26 -17.89 -2.54
N ILE B 226 12.19 -18.12 -3.85
CA ILE B 226 11.62 -19.36 -4.35
C ILE B 226 12.72 -20.33 -4.80
N SER B 227 13.88 -20.21 -4.16
CA SER B 227 15.10 -20.85 -4.66
C SER B 227 15.27 -22.28 -4.20
N ASN B 228 14.29 -22.82 -3.48
CA ASN B 228 14.50 -24.11 -2.83
C ASN B 228 14.96 -25.16 -3.82
N GLU B 229 14.31 -25.26 -4.97
CA GLU B 229 14.70 -26.29 -5.96
C GLU B 229 16.04 -26.10 -6.63
N VAL B 230 16.69 -24.96 -6.41
CA VAL B 230 18.03 -24.72 -6.91
C VAL B 230 19.08 -25.51 -6.13
N ARG B 231 18.71 -25.89 -4.92
CA ARG B 231 19.59 -26.56 -3.99
C ARG B 231 19.70 -28.04 -4.34
N PRO B 232 20.78 -28.68 -3.88
CA PRO B 232 20.91 -30.11 -3.98
C PRO B 232 19.65 -30.87 -3.55
N MET B 233 19.36 -31.96 -4.24
CA MET B 233 18.08 -32.62 -4.11
C MET B 233 17.74 -32.98 -2.69
N GLU B 234 18.71 -33.50 -1.96
CA GLU B 234 18.48 -33.98 -0.63
C GLU B 234 18.16 -32.81 0.31
N VAL B 235 18.67 -31.61 -0.01
CA VAL B 235 18.34 -30.39 0.73
C VAL B 235 17.01 -29.80 0.24
N ALA B 236 16.75 -29.86 -1.07
CA ALA B 236 15.51 -29.30 -1.66
C ALA B 236 14.25 -30.08 -1.25
N GLU B 237 14.31 -31.39 -1.33
CA GLU B 237 13.09 -32.19 -1.25
C GLU B 237 12.26 -32.05 0.03
N PRO B 238 12.90 -32.08 1.21
CA PRO B 238 12.10 -31.94 2.43
C PRO B 238 11.23 -30.69 2.46
N TRP B 239 11.65 -29.62 1.78
CA TRP B 239 10.88 -28.38 1.76
C TRP B 239 9.53 -28.50 1.06
N VAL B 240 9.42 -29.42 0.09
CA VAL B 240 8.12 -29.64 -0.58
C VAL B 240 7.07 -30.12 0.41
N ASP B 241 7.44 -31.04 1.29
CA ASP B 241 6.48 -31.52 2.27
C ASP B 241 6.05 -30.40 3.20
N CYS B 242 6.97 -29.50 3.55
CA CYS B 242 6.60 -28.35 4.37
C CYS B 242 5.64 -27.43 3.65
N LEU B 243 5.90 -27.18 2.38
CA LEU B 243 5.07 -26.25 1.65
C LEU B 243 3.64 -26.78 1.60
N LEU B 244 3.51 -28.04 1.17
CA LEU B 244 2.21 -28.69 1.10
C LEU B 244 1.57 -28.75 2.47
N GLU B 245 2.36 -28.98 3.51
CA GLU B 245 1.78 -29.02 4.83
C GLU B 245 1.04 -27.72 5.14
N GLU B 246 1.62 -26.59 4.75
CA GLU B 246 1.03 -25.26 4.97
C GLU B 246 -0.18 -25.05 4.02
N TYR B 247 0.01 -25.34 2.73
CA TYR B 247 -1.07 -25.25 1.77
C TYR B 247 -2.31 -26.05 2.26
N PHE B 248 -2.09 -27.29 2.71
CA PHE B 248 -3.20 -28.17 3.09
C PHE B 248 -3.90 -27.71 4.35
N MET B 249 -3.12 -27.13 5.25
CA MET B 249 -3.66 -26.45 6.41
C MET B 249 -4.63 -25.34 6.00
N GLN B 250 -4.24 -24.54 5.01
CA GLN B 250 -5.08 -23.49 4.51
C GLN B 250 -6.32 -24.02 3.80
N SER B 251 -6.15 -24.92 2.85
CA SER B 251 -7.32 -25.41 2.13
C SER B 251 -8.28 -26.18 3.05
N ASP B 252 -7.73 -26.92 4.03
CA ASP B 252 -8.59 -27.54 5.05
C ASP B 252 -9.46 -26.53 5.78
N ARG B 253 -8.82 -25.43 6.21
CA ARG B 253 -9.51 -24.38 6.92
C ARG B 253 -10.52 -23.67 6.03
N GLU B 254 -10.15 -23.42 4.79
CA GLU B 254 -11.09 -22.86 3.84
C GLU B 254 -12.27 -23.79 3.67
N LYS B 255 -11.98 -25.07 3.44
CA LYS B 255 -13.05 -26.06 3.31
C LYS B 255 -13.96 -25.93 4.53
N SER B 256 -13.38 -25.91 5.72
CA SER B 256 -14.20 -25.85 6.93
C SER B 256 -15.01 -24.57 7.02
N GLU B 257 -14.36 -23.42 6.79
CA GLU B 257 -14.99 -22.12 6.95
C GLU B 257 -15.98 -21.77 5.84
N GLY B 258 -16.03 -22.56 4.79
CA GLY B 258 -16.88 -22.27 3.64
C GLY B 258 -16.29 -21.27 2.67
N LEU B 259 -14.98 -21.11 2.70
CA LEU B 259 -14.33 -20.16 1.82
C LEU B 259 -13.80 -20.90 0.60
N PRO B 260 -13.47 -20.19 -0.49
CA PRO B 260 -13.01 -20.87 -1.70
C PRO B 260 -11.67 -21.56 -1.49
N VAL B 261 -11.51 -22.70 -2.17
CA VAL B 261 -10.31 -23.51 -2.08
C VAL B 261 -9.57 -23.44 -3.42
N ALA B 262 -8.29 -23.04 -3.38
CA ALA B 262 -7.41 -23.02 -4.55
C ALA B 262 -6.98 -24.47 -4.88
N PRO B 263 -7.24 -24.93 -6.11
CA PRO B 263 -6.86 -26.31 -6.45
C PRO B 263 -5.41 -26.67 -6.19
N PHE B 264 -4.52 -25.70 -6.30
CA PHE B 264 -3.13 -26.00 -6.08
C PHE B 264 -2.81 -26.31 -4.64
N MET B 265 -3.74 -26.00 -3.73
CA MET B 265 -3.58 -26.35 -2.30
C MET B 265 -4.50 -27.46 -1.83
N ASP B 266 -5.30 -28.01 -2.74
CA ASP B 266 -6.31 -28.98 -2.36
C ASP B 266 -5.66 -30.34 -2.14
N ARG B 267 -5.73 -30.84 -0.90
CA ARG B 267 -5.07 -32.10 -0.60
C ARG B 267 -5.62 -33.26 -1.43
N ASP B 268 -6.85 -33.13 -1.91
CA ASP B 268 -7.41 -34.16 -2.79
C ASP B 268 -6.76 -34.20 -4.15
N LYS B 269 -6.08 -33.11 -4.54
CA LYS B 269 -5.68 -32.94 -5.94
C LYS B 269 -4.18 -32.79 -6.17
N VAL B 270 -3.37 -32.76 -5.13
CA VAL B 270 -1.99 -32.32 -5.28
C VAL B 270 -1.03 -33.45 -4.89
N THR B 271 0.13 -33.50 -5.54
CA THR B 271 1.26 -34.30 -5.05
C THR B 271 2.56 -33.52 -5.19
N LYS B 272 3.60 -34.01 -4.51
CA LYS B 272 4.92 -33.38 -4.61
C LYS B 272 5.27 -33.15 -6.08
N ALA B 273 5.07 -34.18 -6.90
CA ALA B 273 5.44 -34.08 -8.30
C ALA B 273 4.63 -33.01 -9.02
N THR B 274 3.31 -33.02 -8.85
CA THR B 274 2.48 -32.11 -9.65
C THR B 274 2.71 -30.67 -9.21
N ALA B 275 2.82 -30.49 -7.89
CA ALA B 275 3.24 -29.23 -7.27
C ALA B 275 4.47 -28.63 -7.95
N GLN B 276 5.52 -29.43 -8.09
CA GLN B 276 6.81 -28.88 -8.46
C GLN B 276 7.05 -28.80 -9.96
N ILE B 277 6.47 -29.70 -10.75
CA ILE B 277 6.77 -29.75 -12.17
C ILE B 277 6.41 -28.44 -12.85
N GLY B 278 5.17 -28.04 -12.69
CA GLY B 278 4.70 -26.83 -13.34
C GLY B 278 5.41 -25.61 -12.83
N PHE B 279 5.64 -25.59 -11.52
CA PHE B 279 6.28 -24.48 -10.85
C PHE B 279 7.70 -24.32 -11.33
N ILE B 280 8.39 -25.44 -11.53
CA ILE B 280 9.76 -25.44 -12.04
C ILE B 280 9.82 -24.97 -13.50
N LYS B 281 9.03 -25.60 -14.36
CA LYS B 281 9.09 -25.34 -15.81
C LYS B 281 8.69 -23.91 -16.12
N PHE B 282 7.67 -23.43 -15.42
CA PHE B 282 6.97 -22.25 -15.86
C PHE B 282 7.17 -21.04 -14.97
N VAL B 283 7.61 -21.18 -13.72
CA VAL B 283 7.97 -20.01 -12.92
C VAL B 283 9.47 -19.94 -12.72
N LEU B 284 10.09 -21.02 -12.27
CA LEU B 284 11.49 -20.98 -11.88
C LEU B 284 12.46 -20.92 -13.03
N ILE B 285 12.39 -21.89 -13.94
CA ILE B 285 13.35 -21.92 -15.04
C ILE B 285 13.37 -20.57 -15.78
N PRO B 286 12.20 -20.13 -16.27
CA PRO B 286 12.14 -18.86 -17.03
C PRO B 286 12.76 -17.71 -16.24
N MET B 287 12.51 -17.67 -14.94
CA MET B 287 13.02 -16.58 -14.13
C MET B 287 14.56 -16.62 -14.13
N PHE B 288 15.12 -17.78 -13.84
CA PHE B 288 16.57 -17.89 -13.82
C PHE B 288 17.19 -17.77 -15.19
N GLU B 289 16.42 -18.11 -16.24
CA GLU B 289 16.91 -18.01 -17.61
C GLU B 289 17.23 -16.56 -17.93
N THR B 290 16.39 -15.65 -17.42
CA THR B 290 16.57 -14.25 -17.76
C THR B 290 17.68 -13.68 -16.92
N VAL B 291 17.81 -14.12 -15.68
CA VAL B 291 18.93 -13.67 -14.86
C VAL B 291 20.27 -14.13 -15.47
N THR B 292 20.26 -15.28 -16.15
CA THR B 292 21.46 -15.82 -16.77
C THR B 292 21.97 -14.97 -17.92
N LYS B 293 21.06 -14.27 -18.57
CA LYS B 293 21.46 -13.34 -19.62
C LYS B 293 22.46 -12.29 -19.08
N LEU B 294 22.32 -11.88 -17.83
CA LEU B 294 23.27 -10.93 -17.20
C LEU B 294 24.42 -11.60 -16.46
N PHE B 295 24.13 -12.77 -15.89
CA PHE B 295 25.07 -13.55 -15.08
C PHE B 295 25.15 -14.99 -15.60
N PRO B 296 25.96 -15.20 -16.63
CA PRO B 296 25.96 -16.51 -17.30
C PRO B 296 26.46 -17.67 -16.43
N MET B 297 27.22 -17.36 -15.39
CA MET B 297 27.59 -18.38 -14.39
C MET B 297 26.39 -18.97 -13.68
N VAL B 298 25.26 -18.27 -13.69
CA VAL B 298 24.05 -18.80 -13.07
C VAL B 298 23.53 -20.04 -13.78
N GLU B 299 23.88 -20.21 -15.06
CA GLU B 299 23.37 -21.36 -15.80
C GLU B 299 23.88 -22.65 -15.19
N GLU B 300 25.20 -22.77 -15.04
CA GLU B 300 25.78 -24.01 -14.58
C GLU B 300 25.42 -24.30 -13.11
N ILE B 301 25.37 -23.25 -12.28
CA ILE B 301 25.18 -23.42 -10.84
C ILE B 301 23.71 -23.55 -10.45
N MET B 302 22.80 -22.91 -11.19
CA MET B 302 21.38 -22.91 -10.80
C MET B 302 20.37 -23.46 -11.82
N LEU B 303 20.61 -23.28 -13.10
CA LEU B 303 19.69 -23.86 -14.07
C LEU B 303 19.85 -25.39 -14.10
N GLN B 304 21.08 -25.86 -14.04
CA GLN B 304 21.33 -27.28 -14.14
C GLN B 304 20.58 -28.04 -13.03
N PRO B 305 20.71 -27.59 -11.78
CA PRO B 305 19.93 -28.23 -10.72
C PRO B 305 18.43 -28.20 -10.99
N LEU B 306 17.95 -27.07 -11.48
CA LEU B 306 16.54 -26.96 -11.79
C LEU B 306 16.13 -27.93 -12.91
N TRP B 307 16.98 -28.13 -13.92
CA TRP B 307 16.66 -29.13 -14.96
C TRP B 307 16.60 -30.54 -14.37
N GLU B 308 17.61 -30.89 -13.56
CA GLU B 308 17.70 -32.19 -12.91
C GLU B 308 16.41 -32.46 -12.11
N SER B 309 15.97 -31.45 -11.36
CA SER B 309 14.80 -31.58 -10.51
C SER B 309 13.54 -31.75 -11.36
N ARG B 310 13.44 -30.94 -12.40
CA ARG B 310 12.30 -31.05 -13.30
C ARG B 310 12.20 -32.48 -13.79
N ASP B 311 13.31 -33.02 -14.28
CA ASP B 311 13.32 -34.33 -14.92
C ASP B 311 13.01 -35.42 -13.91
N ARG B 312 13.50 -35.21 -12.69
CA ARG B 312 13.26 -36.14 -11.61
C ARG B 312 11.76 -36.15 -11.34
N TYR B 313 11.17 -34.97 -11.23
CA TYR B 313 9.75 -34.85 -10.89
C TYR B 313 8.81 -35.29 -12.01
N GLU B 314 9.18 -35.04 -13.27
CA GLU B 314 8.39 -35.59 -14.40
C GLU B 314 8.40 -37.11 -14.30
N GLU B 315 9.56 -37.65 -13.98
CA GLU B 315 9.72 -39.10 -13.87
C GLU B 315 8.91 -39.66 -12.69
N LEU B 316 8.91 -38.98 -11.55
CA LEU B 316 8.04 -39.38 -10.44
C LEU B 316 6.56 -39.37 -10.87
N LYS B 317 6.14 -38.38 -11.63
CA LYS B 317 4.74 -38.34 -12.08
C LYS B 317 4.43 -39.46 -13.03
N ARG B 318 5.40 -39.82 -13.87
CA ARG B 318 5.17 -40.84 -14.87
C ARG B 318 4.92 -42.14 -14.11
N ILE B 319 5.61 -42.28 -12.98
CA ILE B 319 5.48 -43.46 -12.12
C ILE B 319 4.17 -43.45 -11.32
N ASP B 320 3.94 -42.37 -10.58
CA ASP B 320 2.66 -42.16 -9.92
C ASP B 320 1.52 -42.55 -10.85
N ASP B 321 1.52 -42.00 -12.06
CA ASP B 321 0.46 -42.25 -13.04
C ASP B 321 0.37 -43.75 -13.40
N ALA B 322 1.51 -44.42 -13.43
CA ALA B 322 1.54 -45.85 -13.71
C ALA B 322 0.93 -46.66 -12.56
N MET B 323 1.06 -46.19 -11.33
CA MET B 323 0.30 -46.79 -10.23
C MET B 323 -1.17 -46.47 -10.36
N LYS B 324 -1.53 -45.19 -10.35
CA LYS B 324 -2.93 -44.78 -10.47
C LYS B 324 -3.58 -45.69 -11.49
N GLU B 325 -3.03 -45.70 -12.69
CA GLU B 325 -3.55 -46.51 -13.78
C GLU B 325 -3.66 -47.99 -13.40
N LEU B 326 -2.66 -48.51 -12.70
CA LEU B 326 -2.57 -49.95 -12.38
C LEU B 326 -3.70 -50.45 -11.47
N GLN B 327 -4.21 -49.58 -10.61
CA GLN B 327 -5.39 -49.90 -9.77
C GLN B 327 -6.72 -49.77 -10.53
N LYS B 328 -7.06 -48.54 -10.92
CA LYS B 328 -8.35 -48.25 -11.55
C LYS B 328 -8.33 -48.64 -13.04
NA NA C . -9.65 15.72 2.35
NA NA D . -7.39 13.66 2.49
PA PCG E . -5.73 16.68 1.96
O1A PCG E . -7.18 16.57 2.50
O2A PCG E . -4.60 15.77 2.42
O5' PCG E . -5.86 16.47 0.35
C5' PCG E . -6.00 17.54 -0.59
C4' PCG E . -5.06 18.65 -0.15
O4' PCG E . -5.12 19.80 -0.98
C3' PCG E . -5.45 19.16 1.21
O3' PCG E . -5.11 18.18 2.18
C2' PCG E . -4.73 20.48 1.25
O2' PCG E . -3.34 20.29 1.54
C1' PCG E . -4.87 20.95 -0.17
N9 PCG E . -6.03 21.87 -0.25
C8 PCG E . -7.36 21.60 -0.20
N7 PCG E . -8.08 22.75 -0.30
C5 PCG E . -7.21 23.76 -0.43
C6 PCG E . -7.28 25.22 -0.57
O6 PCG E . -8.35 25.86 -0.61
N1 PCG E . -6.12 25.85 -0.63
C2 PCG E . -4.92 25.25 -0.63
N2 PCG E . -3.83 26.02 -0.74
N3 PCG E . -4.77 23.93 -0.50
C4 PCG E . -5.87 23.18 -0.38
NA NA F . 9.13 -16.32 1.24
NA NA G . 6.17 -14.26 1.41
N9 IBM H . 3.76 -24.20 -6.06
C8 IBM H . 4.68 -25.20 -5.94
N7 IBM H . 5.80 -24.75 -5.31
C5 IBM H . 5.61 -23.45 -5.05
C4 IBM H . 4.34 -23.11 -5.50
N3 IBM H . 3.80 -21.87 -5.35
C2 IBM H . 4.58 -20.92 -4.72
N1 IBM H . 5.89 -21.22 -4.22
C6 IBM H . 6.40 -22.49 -4.39
O6 IBM H . 7.53 -22.87 -3.98
O2 IBM H . 4.23 -19.73 -4.57
C10 IBM H . 6.60 -20.10 -3.60
C11 IBM H . 2.44 -21.60 -5.87
C12 IBM H . 2.47 -21.06 -7.30
C13 IBM H . 2.75 -19.57 -7.30
C14 IBM H . 1.16 -21.29 -8.02
#